data_5CW2
#
_entry.id   5CW2
#
_cell.length_a   61.800
_cell.length_b   105.010
_cell.length_c   108.950
_cell.angle_alpha   90.00
_cell.angle_beta   90.11
_cell.angle_gamma   90.00
#
_symmetry.space_group_name_H-M   'P 1 21 1'
#
loop_
_entity.id
_entity.type
_entity.pdbx_description
1 polymer 'Putative epoxide hydrolase EPHA'
2 non-polymer 1,3-DIPHENYLUREA
3 non-polymer 'SODIUM ION'
4 water water
#
_entity_poly.entity_id   1
_entity_poly.type   'polypeptide(L)'
_entity_poly.pdbx_seq_one_letter_code
;GAMAMITPSERSVETNGVRLRLVEAGERGDPLVVLAHGFPELAYSWRHQIPALVDAGYHVMAPDQRGYGGSSAPEAIEAY
DITRLTADLMGLLDDIGAEKAAFIGHDWGALVVWNAALLYPDRVAAVAGLSVPPVPRSLTRPTEAFRALVGEDNFFYILY
FQEPGVADAELDGDPARTMRRMFGGLTSDPDAAHRMLQPGPAGFIDRLPEPEALPDWLTAEELDHYIAEFTRTGFTGGLN
WYRNMDRNWELTEHLAGATITAPALFLAGAADPVLGFMRPERATEVAVGPYRQVLLDGAGHWVQQERPQEVNAALIDFLR
GLELQ
;
_entity_poly.pdbx_strand_id   C,A,B,D
#
# COMPACT_ATOMS: atom_id res chain seq x y z
N THR A 7 -16.92 16.14 28.85
CA THR A 7 -15.95 16.21 29.94
C THR A 7 -14.56 15.78 29.52
N PRO A 8 -14.14 16.06 28.27
CA PRO A 8 -12.71 15.91 28.12
C PRO A 8 -12.07 17.13 28.78
N SER A 9 -11.01 16.86 29.53
CA SER A 9 -10.26 17.88 30.24
C SER A 9 -9.08 18.32 29.43
N GLU A 10 -8.48 19.43 29.88
CA GLU A 10 -7.22 19.90 29.36
C GLU A 10 -6.35 20.36 30.53
N ARG A 11 -5.05 20.12 30.41
CA ARG A 11 -4.06 20.58 31.35
C ARG A 11 -2.79 20.90 30.63
N SER A 12 -2.00 21.78 31.21
CA SER A 12 -0.70 22.10 30.66
C SER A 12 0.29 21.06 31.13
N VAL A 13 1.09 20.59 30.20
CA VAL A 13 2.01 19.52 30.49
C VAL A 13 3.42 19.93 30.06
N GLU A 14 4.38 19.84 30.96
CA GLU A 14 5.79 20.05 30.62
C GLU A 14 6.45 18.76 30.14
N THR A 15 6.96 18.81 28.92
CA THR A 15 7.50 17.62 28.29
C THR A 15 8.67 17.96 27.40
N ASN A 16 9.77 17.24 27.53
CA ASN A 16 10.85 17.33 26.56
C ASN A 16 11.30 18.79 26.37
N GLY A 17 11.29 19.53 27.48
CA GLY A 17 11.87 20.86 27.52
C GLY A 17 10.96 21.91 26.94
N VAL A 18 9.69 21.53 26.77
CA VAL A 18 8.65 22.43 26.28
C VAL A 18 7.35 22.14 27.00
N ARG A 19 6.30 22.84 26.63
CA ARG A 19 5.01 22.75 27.28
C ARG A 19 3.91 22.61 26.26
N LEU A 20 3.14 21.52 26.35
CA LEU A 20 2.05 21.23 25.41
C LEU A 20 0.69 21.36 26.07
N ARG A 21 -0.27 21.87 25.31
CA ARG A 21 -1.66 21.85 25.75
C ARG A 21 -2.26 20.48 25.48
N LEU A 22 -2.62 19.82 26.56
CA LEU A 22 -3.01 18.44 26.52
C LEU A 22 -4.50 18.35 26.72
N VAL A 23 -5.18 17.66 25.83
CA VAL A 23 -6.55 17.25 26.05
C VAL A 23 -6.55 15.75 26.40
N GLU A 24 -7.22 15.38 27.48
CA GLU A 24 -7.28 13.98 27.87
C GLU A 24 -8.62 13.65 28.51
N ALA A 25 -9.00 12.37 28.43
CA ALA A 25 -10.27 11.88 28.94
C ALA A 25 -10.09 10.45 29.41
N GLY A 26 -10.93 10.01 30.33
CA GLY A 26 -10.81 8.66 30.87
C GLY A 26 -9.99 8.67 32.15
N GLU A 27 -9.64 7.47 32.62
CA GLU A 27 -9.08 7.28 33.94
C GLU A 27 -7.65 6.81 33.85
N ARG A 28 -6.76 7.57 34.50
CA ARG A 28 -5.36 7.20 34.55
C ARG A 28 -5.26 5.76 35.11
N GLY A 29 -4.34 4.99 34.55
CA GLY A 29 -4.23 3.58 34.88
C GLY A 29 -4.85 2.73 33.80
N ASP A 30 -5.87 3.27 33.13
CA ASP A 30 -6.40 2.62 31.94
C ASP A 30 -5.40 2.64 30.81
N PRO A 31 -5.45 1.63 29.94
CA PRO A 31 -4.35 1.53 28.97
C PRO A 31 -4.30 2.77 28.11
N LEU A 32 -3.10 3.21 27.77
CA LEU A 32 -2.93 4.55 27.21
C LEU A 32 -2.83 4.58 25.68
N VAL A 33 -3.67 5.44 25.15
CA VAL A 33 -3.76 5.74 23.75
C VAL A 33 -3.46 7.22 23.51
N VAL A 34 -2.44 7.50 22.70
CA VAL A 34 -2.04 8.87 22.44
C VAL A 34 -2.50 9.29 21.04
N LEU A 35 -3.08 10.48 20.90
CA LEU A 35 -3.55 11.00 19.63
C LEU A 35 -2.79 12.23 19.19
N ALA A 36 -2.18 12.11 18.02
CA ALA A 36 -1.30 13.13 17.49
C ALA A 36 -1.87 13.70 16.21
N HIS A 37 -2.36 14.91 16.28
CA HIS A 37 -2.96 15.50 15.12
C HIS A 37 -1.98 15.75 13.99
N GLY A 38 -2.47 16.46 12.98
CA GLY A 38 -1.66 16.79 11.82
C GLY A 38 -1.68 18.25 11.42
N PHE A 39 -1.36 18.47 10.15
CA PHE A 39 -1.26 19.80 9.58
C PHE A 39 -2.46 20.18 8.73
N PRO A 40 -3.04 21.39 8.96
CA PRO A 40 -2.97 22.37 10.04
C PRO A 40 -4.10 22.13 11.01
N GLU A 41 -3.85 21.30 12.00
CA GLU A 41 -4.91 20.82 12.84
C GLU A 41 -4.51 20.91 14.29
N LEU A 42 -5.37 20.39 15.15
CA LEU A 42 -5.27 20.56 16.56
C LEU A 42 -5.72 19.30 17.28
N ALA A 43 -5.68 19.32 18.61
CA ALA A 43 -6.24 18.26 19.43
C ALA A 43 -7.78 18.26 19.33
N TYR A 44 -8.31 19.34 18.80
CA TYR A 44 -9.74 19.48 18.48
C TYR A 44 -10.23 18.51 17.39
N SER A 45 -9.32 18.11 16.50
CA SER A 45 -9.61 17.25 15.36
C SER A 45 -9.86 15.80 15.75
N TRP A 46 -9.63 15.48 17.03
CA TRP A 46 -9.90 14.15 17.58
C TRP A 46 -11.13 14.18 18.49
N ARG A 47 -11.92 15.23 18.33
CA ARG A 47 -13.07 15.43 19.19
C ARG A 47 -14.06 14.25 19.15
N HIS A 48 -14.32 13.70 17.96
CA HIS A 48 -15.24 12.55 17.78
C HIS A 48 -14.70 11.20 18.19
N GLN A 49 -13.37 11.11 18.29
CA GLN A 49 -12.65 9.87 18.59
C GLN A 49 -12.55 9.61 20.04
N ILE A 50 -12.37 10.69 20.78
CA ILE A 50 -11.92 10.59 22.16
C ILE A 50 -12.95 9.92 23.04
N PRO A 51 -14.20 10.35 22.97
CA PRO A 51 -15.20 9.66 23.80
C PRO A 51 -15.42 8.21 23.44
N ALA A 52 -15.21 7.87 22.18
CA ALA A 52 -15.32 6.50 21.73
C ALA A 52 -14.26 5.67 22.41
N LEU A 53 -13.05 6.18 22.34
CA LEU A 53 -11.88 5.48 22.85
C LEU A 53 -11.97 5.37 24.36
N VAL A 54 -12.48 6.41 24.99
CA VAL A 54 -12.75 6.35 26.41
C VAL A 54 -13.75 5.26 26.70
N ASP A 55 -14.89 5.30 26.04
CA ASP A 55 -15.95 4.32 26.30
C ASP A 55 -15.43 2.91 26.09
N ALA A 56 -14.52 2.76 25.12
CA ALA A 56 -13.82 1.49 24.86
C ALA A 56 -12.83 1.06 25.96
N GLY A 57 -12.72 1.83 27.03
CA GLY A 57 -11.92 1.42 28.17
C GLY A 57 -10.50 1.97 28.16
N TYR A 58 -10.26 3.05 27.44
CA TYR A 58 -8.91 3.61 27.31
C TYR A 58 -8.71 4.96 27.99
N HIS A 59 -7.46 5.20 28.31
CA HIS A 59 -6.98 6.50 28.70
C HIS A 59 -6.54 7.20 27.47
N VAL A 60 -7.09 8.37 27.21
CA VAL A 60 -6.81 9.07 25.99
C VAL A 60 -6.05 10.34 26.29
N MET A 61 -5.06 10.62 25.45
CA MET A 61 -4.29 11.86 25.51
C MET A 61 -4.20 12.47 24.12
N ALA A 62 -4.61 13.74 23.97
CA ALA A 62 -4.56 14.48 22.69
C ALA A 62 -3.97 15.87 22.85
N PRO A 63 -2.65 15.99 22.78
CA PRO A 63 -1.95 17.28 22.85
C PRO A 63 -2.12 18.18 21.62
N ASP A 64 -2.04 19.49 21.80
CA ASP A 64 -1.71 20.36 20.70
C ASP A 64 -0.22 20.20 20.58
N GLN A 65 0.25 19.76 19.44
CA GLN A 65 1.65 19.47 19.31
C GLN A 65 2.47 20.74 19.12
N ARG A 66 3.78 20.61 19.28
CA ARG A 66 4.65 21.76 19.34
C ARG A 66 4.47 22.66 18.11
N GLY A 67 4.22 23.95 18.33
CA GLY A 67 3.91 24.87 17.25
C GLY A 67 2.43 25.10 17.02
N TYR A 68 1.59 24.40 17.75
CA TYR A 68 0.15 24.55 17.56
C TYR A 68 -0.58 24.85 18.83
N GLY A 69 -1.76 25.44 18.66
CA GLY A 69 -2.69 25.62 19.74
C GLY A 69 -2.11 26.27 20.96
N GLY A 70 -2.33 25.64 22.10
CA GLY A 70 -1.98 26.23 23.37
C GLY A 70 -0.58 25.83 23.78
N SER A 71 0.12 25.22 22.83
CA SER A 71 1.44 24.67 23.09
C SER A 71 2.56 25.59 22.69
N SER A 72 3.74 25.28 23.20
CA SER A 72 4.96 26.00 22.84
C SER A 72 5.21 26.08 21.34
N ALA A 73 5.64 27.25 20.93
CA ALA A 73 5.90 27.57 19.55
C ALA A 73 7.29 28.18 19.34
N PRO A 74 8.35 27.38 19.45
CA PRO A 74 9.70 27.93 19.29
C PRO A 74 9.91 28.61 17.95
N GLU A 75 10.52 29.78 18.00
CA GLU A 75 10.91 30.49 16.81
C GLU A 75 11.91 29.70 15.96
N ALA A 76 12.61 28.75 16.58
CA ALA A 76 13.61 27.96 15.88
C ALA A 76 12.98 26.85 15.08
N ILE A 77 13.45 26.68 13.84
CA ILE A 77 12.96 25.63 12.94
C ILE A 77 13.48 24.24 13.30
N GLU A 78 14.76 24.15 13.68
CA GLU A 78 15.39 22.88 14.06
C GLU A 78 14.72 22.31 15.29
N ALA A 79 14.03 23.17 16.05
CA ALA A 79 13.25 22.74 17.19
C ALA A 79 12.07 21.87 16.82
N TYR A 80 11.80 21.74 15.51
CA TYR A 80 10.66 20.99 15.01
C TYR A 80 11.04 19.70 14.28
N ASP A 81 12.27 19.23 14.45
CA ASP A 81 12.66 18.05 13.72
C ASP A 81 12.02 16.82 14.36
N ILE A 82 12.18 15.68 13.71
CA ILE A 82 11.50 14.46 14.09
C ILE A 82 11.83 13.95 15.48
N THR A 83 13.08 14.14 15.90
CA THR A 83 13.49 13.62 17.20
C THR A 83 12.82 14.43 18.28
N ARG A 84 12.66 15.72 18.05
CA ARG A 84 11.97 16.64 18.95
C ARG A 84 10.51 16.26 19.17
N LEU A 85 9.76 16.21 18.08
CA LEU A 85 8.33 15.82 18.08
C LEU A 85 7.93 14.44 18.65
N THR A 86 8.72 13.42 18.38
CA THR A 86 8.52 12.10 19.03
C THR A 86 8.74 12.11 20.55
N ALA A 87 9.85 12.73 20.97
CA ALA A 87 10.19 12.76 22.40
C ALA A 87 9.17 13.60 23.16
N ASP A 88 8.68 14.65 22.51
CA ASP A 88 7.49 15.38 22.98
C ASP A 88 6.39 14.43 23.44
N LEU A 89 6.11 13.41 22.62
CA LEU A 89 5.02 12.51 22.90
C LEU A 89 5.37 11.54 23.98
N MET A 90 6.60 11.06 23.95
CA MET A 90 7.02 10.10 24.98
C MET A 90 7.05 10.69 26.39
N GLY A 91 7.38 11.97 26.47
CA GLY A 91 7.26 12.70 27.73
C GLY A 91 5.85 12.76 28.32
N LEU A 92 4.83 12.55 27.50
CA LEU A 92 3.45 12.43 28.00
C LEU A 92 3.30 11.12 28.75
N LEU A 93 3.89 10.06 28.23
CA LEU A 93 3.87 8.78 28.91
C LEU A 93 4.56 8.95 30.23
N ASP A 94 5.78 9.51 30.16
CA ASP A 94 6.58 9.78 31.36
C ASP A 94 5.79 10.51 32.42
N ASP A 95 5.18 11.62 32.04
CA ASP A 95 4.41 12.46 32.96
C ASP A 95 3.59 11.70 33.98
N ILE A 96 3.03 10.56 33.58
CA ILE A 96 2.09 9.83 34.42
C ILE A 96 2.60 8.44 34.74
N GLY A 97 3.84 8.18 34.37
CA GLY A 97 4.47 6.91 34.68
C GLY A 97 4.30 5.82 33.65
N ALA A 98 3.87 6.18 32.44
CA ALA A 98 3.52 5.16 31.47
C ALA A 98 4.68 4.55 30.73
N GLU A 99 4.78 3.24 30.85
CA GLU A 99 5.86 2.51 30.22
C GLU A 99 5.66 2.37 28.71
N LYS A 100 4.43 2.08 28.31
CA LYS A 100 4.17 1.98 26.89
C LYS A 100 2.74 2.44 26.59
N ALA A 101 2.48 2.73 25.32
CA ALA A 101 1.17 3.18 24.91
C ALA A 101 0.89 2.91 23.43
N ALA A 102 -0.37 3.09 23.08
CA ALA A 102 -0.78 3.05 21.68
C ALA A 102 -0.72 4.45 21.03
N PHE A 103 -0.03 4.55 19.90
CA PHE A 103 0.15 5.84 19.25
C PHE A 103 -0.53 5.92 17.92
N ILE A 104 -1.49 6.83 17.87
CA ILE A 104 -2.35 7.01 16.71
C ILE A 104 -2.08 8.37 16.16
N GLY A 105 -1.89 8.44 14.84
CA GLY A 105 -1.57 9.68 14.21
C GLY A 105 -2.22 9.89 12.88
N HIS A 106 -2.73 11.08 12.66
CA HIS A 106 -3.28 11.47 11.38
C HIS A 106 -2.37 12.49 10.69
N ASP A 107 -1.93 12.19 9.48
CA ASP A 107 -1.17 13.14 8.69
C ASP A 107 0.23 13.29 9.30
N TRP A 108 0.71 14.52 9.49
CA TRP A 108 2.03 14.73 10.06
C TRP A 108 2.16 13.96 11.37
N GLY A 109 1.08 13.90 12.13
CA GLY A 109 1.02 13.05 13.30
C GLY A 109 1.36 11.61 12.98
N ALA A 110 0.93 11.15 11.82
CA ALA A 110 1.10 9.75 11.45
C ALA A 110 2.56 9.49 11.19
N LEU A 111 3.17 10.42 10.50
CA LEU A 111 4.58 10.32 10.28
C LEU A 111 5.27 10.26 11.65
N VAL A 112 4.88 11.15 12.56
CA VAL A 112 5.52 11.23 13.87
C VAL A 112 5.45 9.91 14.59
N VAL A 113 4.28 9.26 14.54
CA VAL A 113 4.09 7.96 15.21
C VAL A 113 4.82 6.85 14.51
N TRP A 114 4.92 6.92 13.20
CA TRP A 114 5.68 5.91 12.48
C TRP A 114 7.12 5.97 12.91
N ASN A 115 7.65 7.18 12.97
CA ASN A 115 9.00 7.37 13.43
C ASN A 115 9.14 7.02 14.90
N ALA A 116 8.10 7.26 15.68
CA ALA A 116 8.10 6.83 17.06
C ALA A 116 8.25 5.33 17.22
N ALA A 117 7.54 4.55 16.42
CA ALA A 117 7.68 3.09 16.47
C ALA A 117 9.08 2.63 16.30
N LEU A 118 9.80 3.30 15.44
CA LEU A 118 11.16 2.93 15.12
C LEU A 118 12.11 3.49 16.15
N LEU A 119 11.78 4.67 16.69
CA LEU A 119 12.67 5.33 17.64
C LEU A 119 12.47 4.92 19.09
N TYR A 120 11.28 4.52 19.48
CA TYR A 120 11.01 4.09 20.84
C TYR A 120 10.21 2.80 20.86
N PRO A 121 10.73 1.76 20.25
CA PRO A 121 10.05 0.47 20.09
C PRO A 121 9.64 -0.12 21.40
N ASP A 122 10.37 0.26 22.43
CA ASP A 122 10.11 -0.17 23.78
C ASP A 122 8.84 0.45 24.32
N ARG A 123 8.55 1.68 23.89
CA ARG A 123 7.43 2.44 24.42
C ARG A 123 6.14 2.22 23.64
N VAL A 124 6.28 1.69 22.45
CA VAL A 124 5.17 1.63 21.51
C VAL A 124 4.57 0.24 21.40
N ALA A 125 3.40 0.12 22.01
CA ALA A 125 2.65 -1.13 22.10
C ALA A 125 1.87 -1.41 20.86
N ALA A 126 1.48 -0.34 20.20
CA ALA A 126 0.80 -0.40 18.93
C ALA A 126 0.81 0.97 18.27
N VAL A 127 0.80 0.97 16.94
CA VAL A 127 0.86 2.20 16.18
C VAL A 127 -0.12 2.18 15.02
N ALA A 128 -0.83 3.29 14.88
CA ALA A 128 -1.79 3.48 13.80
C ALA A 128 -1.45 4.80 13.11
N GLY A 129 -1.46 4.83 11.79
CA GLY A 129 -1.22 6.06 11.06
C GLY A 129 -2.32 6.32 10.06
N LEU A 130 -2.97 7.46 10.17
CA LEU A 130 -4.02 7.81 9.24
C LEU A 130 -3.50 8.67 8.09
N SER A 131 -4.06 8.40 6.90
CA SER A 131 -3.73 9.11 5.67
C SER A 131 -2.30 8.81 5.18
N VAL A 132 -1.30 9.10 6.00
CA VAL A 132 0.11 8.94 5.61
C VAL A 132 0.71 7.54 5.95
N PRO A 133 1.13 6.76 4.93
CA PRO A 133 1.54 5.38 5.15
C PRO A 133 3.00 5.24 5.59
N PRO A 134 3.36 4.06 6.11
CA PRO A 134 4.77 3.66 6.23
C PRO A 134 5.48 3.73 4.89
N VAL A 135 6.55 4.50 4.82
CA VAL A 135 7.39 4.53 3.63
C VAL A 135 8.86 4.20 3.98
N PRO A 136 9.49 3.32 3.20
CA PRO A 136 10.93 3.14 3.30
C PRO A 136 11.74 4.42 3.10
N ARG A 137 12.84 4.56 3.85
CA ARG A 137 13.72 5.71 3.74
C ARG A 137 14.29 5.86 2.32
N SER A 138 14.08 7.02 1.74
CA SER A 138 14.47 7.26 0.36
C SER A 138 15.95 7.24 0.25
N LEU A 139 16.43 7.04 -0.95
CA LEU A 139 17.85 7.05 -1.17
C LEU A 139 18.35 8.48 -1.31
N THR A 140 17.47 9.38 -1.71
CA THR A 140 17.82 10.77 -1.88
C THR A 140 17.04 11.58 -0.89
N ARG A 141 17.55 12.73 -0.51
CA ARG A 141 16.82 13.55 0.42
C ARG A 141 15.54 14.02 -0.24
N PRO A 142 14.45 14.08 0.54
CA PRO A 142 13.12 14.30 0.01
C PRO A 142 12.98 15.49 -0.95
N THR A 143 13.68 16.59 -0.68
CA THR A 143 13.57 17.74 -1.56
C THR A 143 14.19 17.42 -2.91
N GLU A 144 15.16 16.52 -2.93
CA GLU A 144 15.75 16.08 -4.20
C GLU A 144 14.73 15.19 -4.87
N ALA A 145 14.18 14.26 -4.10
CA ALA A 145 13.17 13.31 -4.60
C ALA A 145 12.01 14.03 -5.22
N PHE A 146 11.59 15.10 -4.60
CA PHE A 146 10.42 15.88 -5.01
C PHE A 146 10.69 16.76 -6.22
N ARG A 147 11.91 17.25 -6.36
CA ARG A 147 12.23 18.01 -7.56
C ARG A 147 12.44 17.05 -8.73
N ALA A 148 12.91 15.86 -8.43
CA ALA A 148 12.94 14.79 -9.41
C ALA A 148 11.56 14.50 -9.91
N LEU A 149 10.68 14.28 -8.97
CA LEU A 149 9.28 14.11 -9.28
C LEU A 149 8.65 15.23 -10.07
N VAL A 150 8.73 16.48 -9.62
CA VAL A 150 7.97 17.57 -10.28
C VAL A 150 8.79 18.65 -10.97
N GLY A 151 10.10 18.56 -10.87
CA GLY A 151 10.96 19.58 -11.43
C GLY A 151 10.95 20.88 -10.63
N GLU A 152 11.42 21.93 -11.28
CA GLU A 152 11.67 23.22 -10.63
C GLU A 152 10.86 24.38 -11.18
N ASP A 153 9.93 24.11 -12.09
CA ASP A 153 9.09 25.16 -12.66
C ASP A 153 7.63 24.90 -12.30
N ASN A 154 7.20 23.65 -12.35
CA ASN A 154 5.88 23.28 -11.85
C ASN A 154 5.71 23.71 -10.41
N PHE A 155 4.47 23.74 -9.95
CA PHE A 155 4.21 24.11 -8.56
C PHE A 155 3.96 22.87 -7.75
N PHE A 156 4.56 22.82 -6.58
CA PHE A 156 4.35 21.72 -5.65
C PHE A 156 4.44 22.25 -4.22
N TYR A 157 3.43 21.99 -3.41
CA TYR A 157 3.28 22.71 -2.18
C TYR A 157 4.43 22.49 -1.21
N ILE A 158 4.85 21.25 -1.00
CA ILE A 158 5.84 20.96 0.03
C ILE A 158 7.15 21.67 -0.31
N LEU A 159 7.44 21.81 -1.60
CA LEU A 159 8.56 22.62 -2.02
C LEU A 159 8.26 24.10 -1.83
N TYR A 160 7.03 24.53 -2.05
CA TYR A 160 6.61 25.90 -1.80
C TYR A 160 6.70 26.32 -0.32
N PHE A 161 6.59 25.35 0.58
CA PHE A 161 6.63 25.58 2.04
C PHE A 161 8.04 25.70 2.61
N GLN A 162 9.05 25.34 1.84
CA GLN A 162 10.41 25.32 2.36
C GLN A 162 10.89 26.72 2.73
N GLU A 163 10.93 27.66 1.78
CA GLU A 163 11.54 28.96 2.09
C GLU A 163 10.74 29.59 3.20
N PRO A 164 11.39 29.91 4.33
CA PRO A 164 10.70 30.52 5.46
C PRO A 164 10.13 31.87 5.15
N GLY A 165 8.89 32.09 5.58
CA GLY A 165 8.22 33.35 5.39
C GLY A 165 7.16 33.39 4.31
N VAL A 166 7.38 32.66 3.24
CA VAL A 166 6.60 32.89 2.04
C VAL A 166 5.21 32.25 2.13
N ALA A 167 5.18 30.97 2.43
CA ALA A 167 3.88 30.33 2.62
C ALA A 167 3.23 30.86 3.88
N ASP A 168 4.05 31.29 4.82
CA ASP A 168 3.55 31.83 6.10
C ASP A 168 2.68 33.07 5.89
N ALA A 169 3.18 34.01 5.11
CA ALA A 169 2.46 35.23 4.80
C ALA A 169 1.17 34.87 4.12
N GLU A 170 1.28 33.94 3.16
CA GLU A 170 0.14 33.59 2.34
C GLU A 170 -0.96 33.00 3.21
N LEU A 171 -0.63 32.02 4.03
CA LEU A 171 -1.64 31.36 4.83
C LEU A 171 -2.12 32.20 5.98
N ASP A 172 -1.23 32.98 6.57
CA ASP A 172 -1.61 33.89 7.65
C ASP A 172 -2.48 35.02 7.16
N GLY A 173 -2.21 35.49 5.96
CA GLY A 173 -2.96 36.59 5.39
C GLY A 173 -4.47 36.50 5.48
N ASP A 174 -5.02 35.29 5.42
CA ASP A 174 -6.47 35.09 5.45
C ASP A 174 -6.77 33.74 6.06
N PRO A 175 -6.86 33.68 7.38
CA PRO A 175 -6.93 32.37 7.99
C PRO A 175 -8.22 31.66 7.68
N ALA A 176 -9.28 32.43 7.47
CA ALA A 176 -10.57 31.85 7.14
C ALA A 176 -10.52 31.20 5.77
N ARG A 177 -10.01 31.93 4.79
CA ARG A 177 -9.92 31.40 3.44
C ARG A 177 -9.10 30.14 3.50
N THR A 178 -8.03 30.15 4.28
CA THR A 178 -7.14 29.01 4.36
C THR A 178 -7.91 27.80 4.85
N MET A 179 -8.54 27.92 5.99
CA MET A 179 -9.14 26.76 6.63
C MET A 179 -10.30 26.19 5.79
N ARG A 180 -11.07 27.07 5.16
CA ARG A 180 -12.23 26.64 4.40
C ARG A 180 -11.84 26.00 3.07
N ARG A 181 -10.82 26.54 2.41
CA ARG A 181 -10.29 25.87 1.23
C ARG A 181 -9.48 24.61 1.59
N MET A 182 -8.85 24.58 2.75
CA MET A 182 -8.12 23.39 3.18
C MET A 182 -9.06 22.22 3.37
N PHE A 183 -10.13 22.50 4.11
CA PHE A 183 -11.08 21.49 4.47
C PHE A 183 -12.01 21.15 3.35
N GLY A 184 -12.44 22.14 2.58
CA GLY A 184 -13.40 21.86 1.54
C GLY A 184 -12.77 21.73 0.18
N GLY A 185 -11.54 22.19 0.06
CA GLY A 185 -10.92 22.31 -1.22
C GLY A 185 -9.96 21.21 -1.54
N LEU A 186 -9.68 20.33 -0.58
CA LEU A 186 -8.71 19.25 -0.86
C LEU A 186 -9.38 18.11 -1.60
N THR A 187 -8.84 17.79 -2.77
CA THR A 187 -9.47 16.87 -3.70
C THR A 187 -8.40 16.22 -4.54
N SER A 188 -8.65 14.98 -4.97
CA SER A 188 -7.81 14.32 -5.95
C SER A 188 -8.37 14.47 -7.39
N ASP A 189 -9.25 15.44 -7.59
CA ASP A 189 -9.83 15.71 -8.91
C ASP A 189 -8.71 16.11 -9.89
N PRO A 190 -8.76 15.59 -11.13
CA PRO A 190 -7.68 15.88 -12.09
C PRO A 190 -7.76 17.24 -12.76
N ASP A 191 -8.89 17.92 -12.69
CA ASP A 191 -8.93 19.25 -13.25
C ASP A 191 -8.15 20.12 -12.31
N ALA A 192 -8.40 19.90 -11.03
CA ALA A 192 -7.77 20.63 -9.96
C ALA A 192 -6.28 20.38 -9.90
N ALA A 193 -5.87 19.12 -9.87
CA ALA A 193 -4.48 18.75 -9.76
C ALA A 193 -3.66 19.51 -10.78
N HIS A 194 -4.14 19.45 -12.01
CA HIS A 194 -3.48 20.11 -13.13
C HIS A 194 -3.30 21.58 -12.84
N ARG A 195 -4.29 22.19 -12.21
CA ARG A 195 -4.25 23.62 -11.97
C ARG A 195 -3.40 24.00 -10.75
N MET A 196 -3.30 23.07 -9.80
CA MET A 196 -2.38 23.19 -8.68
C MET A 196 -0.94 23.09 -9.16
N LEU A 197 -0.66 22.21 -10.10
CA LEU A 197 0.70 22.03 -10.52
C LEU A 197 1.22 23.13 -11.41
N GLN A 198 0.36 23.88 -12.05
CA GLN A 198 0.85 24.67 -13.18
C GLN A 198 1.74 25.80 -12.74
N PRO A 199 2.85 26.01 -13.46
CA PRO A 199 3.79 27.09 -13.13
C PRO A 199 3.18 28.48 -13.15
N GLY A 200 3.74 29.34 -12.29
CA GLY A 200 3.31 30.71 -12.11
C GLY A 200 3.46 31.07 -10.64
N PRO A 201 3.31 32.36 -10.33
CA PRO A 201 3.56 32.90 -9.00
C PRO A 201 2.53 32.59 -7.94
N ALA A 202 1.38 32.04 -8.31
CA ALA A 202 0.27 31.95 -7.37
C ALA A 202 0.56 31.01 -6.22
N GLY A 203 -0.16 31.19 -5.12
CA GLY A 203 0.08 30.45 -3.91
C GLY A 203 -0.58 29.11 -3.92
N PHE A 204 -0.42 28.38 -2.83
CA PHE A 204 -1.08 27.12 -2.60
C PHE A 204 -2.57 27.32 -2.28
N ILE A 205 -2.84 28.13 -1.29
CA ILE A 205 -4.22 28.47 -0.96
C ILE A 205 -4.91 29.15 -2.15
N ASP A 206 -4.15 29.88 -2.95
CA ASP A 206 -4.69 30.50 -4.12
C ASP A 206 -5.12 29.43 -5.07
N ARG A 207 -4.27 28.43 -5.24
CA ARG A 207 -4.53 27.35 -6.19
C ARG A 207 -5.68 26.49 -5.77
N LEU A 208 -6.02 26.55 -4.49
CA LEU A 208 -7.07 25.71 -3.97
C LEU A 208 -8.47 26.18 -4.32
N PRO A 209 -9.36 25.23 -4.60
CA PRO A 209 -10.72 25.69 -4.84
C PRO A 209 -11.39 26.18 -3.59
N GLU A 210 -12.31 27.12 -3.78
CA GLU A 210 -13.15 27.59 -2.71
C GLU A 210 -14.56 27.04 -2.79
N PRO A 211 -14.85 26.05 -1.96
CA PRO A 211 -16.20 25.47 -1.89
C PRO A 211 -17.32 26.45 -1.55
N GLU A 212 -18.45 26.26 -2.23
CA GLU A 212 -19.63 27.10 -2.06
C GLU A 212 -20.24 26.94 -0.69
N ALA A 213 -20.59 25.69 -0.39
CA ALA A 213 -21.16 25.35 0.91
C ALA A 213 -20.20 24.54 1.78
N LEU A 214 -20.39 24.62 3.09
CA LEU A 214 -19.59 23.86 4.04
C LEU A 214 -19.63 22.38 3.76
N PRO A 215 -18.53 21.67 4.06
CA PRO A 215 -18.60 20.24 3.88
C PRO A 215 -19.63 19.64 4.79
N ASP A 216 -20.15 18.48 4.43
CA ASP A 216 -21.28 17.89 5.15
C ASP A 216 -20.84 17.48 6.54
N TRP A 217 -19.54 17.19 6.69
CA TRP A 217 -18.97 16.72 7.96
C TRP A 217 -18.46 17.80 8.90
N LEU A 218 -18.67 19.05 8.53
CA LEU A 218 -18.10 20.14 9.29
C LEU A 218 -19.07 21.32 9.42
N THR A 219 -19.35 21.67 10.67
CA THR A 219 -20.22 22.78 10.95
C THR A 219 -19.45 24.10 10.99
N ALA A 220 -20.19 25.19 11.07
CA ALA A 220 -19.66 26.53 11.19
C ALA A 220 -18.87 26.75 12.47
N GLU A 221 -19.42 26.29 13.58
CA GLU A 221 -18.79 26.43 14.89
C GLU A 221 -17.41 25.79 14.91
N GLU A 222 -17.39 24.51 14.51
CA GLU A 222 -16.15 23.75 14.40
C GLU A 222 -15.15 24.53 13.57
N LEU A 223 -15.51 24.85 12.33
CA LEU A 223 -14.62 25.55 11.42
C LEU A 223 -14.15 26.86 12.03
N ASP A 224 -15.03 27.53 12.74
CA ASP A 224 -14.67 28.82 13.32
C ASP A 224 -13.59 28.64 14.36
N HIS A 225 -13.61 27.51 15.03
CA HIS A 225 -12.66 27.23 16.09
C HIS A 225 -11.23 27.17 15.53
N TYR A 226 -11.06 26.42 14.44
CA TYR A 226 -9.77 26.32 13.75
C TYR A 226 -9.23 27.67 13.35
N ILE A 227 -10.11 28.46 12.72
CA ILE A 227 -9.79 29.79 12.22
C ILE A 227 -9.36 30.69 13.33
N ALA A 228 -10.07 30.62 14.45
CA ALA A 228 -9.72 31.36 15.66
C ALA A 228 -8.32 31.04 16.16
N GLU A 229 -8.09 29.78 16.46
CA GLU A 229 -6.81 29.37 16.98
C GLU A 229 -5.66 29.67 16.04
N PHE A 230 -5.85 29.46 14.75
CA PHE A 230 -4.76 29.72 13.80
C PHE A 230 -4.68 31.21 13.46
N THR A 231 -5.75 31.94 13.68
CA THR A 231 -5.66 33.40 13.66
C THR A 231 -4.80 33.88 14.82
N ARG A 232 -4.99 33.31 16.00
CA ARG A 232 -4.14 33.63 17.14
C ARG A 232 -2.71 33.19 16.96
N THR A 233 -2.47 31.92 16.64
CA THR A 233 -1.10 31.40 16.54
C THR A 233 -0.40 31.71 15.25
N GLY A 234 -1.14 31.74 14.16
CA GLY A 234 -0.53 31.71 12.84
C GLY A 234 -0.27 30.29 12.42
N PHE A 235 0.41 30.12 11.29
CA PHE A 235 0.73 28.83 10.70
C PHE A 235 2.21 28.44 10.62
N THR A 236 3.10 29.30 11.12
CA THR A 236 4.52 29.05 11.02
C THR A 236 4.89 27.74 11.74
N GLY A 237 4.28 27.51 12.90
CA GLY A 237 4.64 26.37 13.74
C GLY A 237 4.53 25.04 13.05
N GLY A 238 3.42 24.78 12.39
CA GLY A 238 3.26 23.59 11.56
C GLY A 238 4.07 23.57 10.26
N LEU A 239 4.34 24.73 9.70
CA LEU A 239 5.06 24.84 8.45
C LEU A 239 6.48 24.47 8.66
N ASN A 240 6.95 24.75 9.86
CA ASN A 240 8.30 24.45 10.24
C ASN A 240 8.52 22.95 10.41
N TRP A 241 7.44 22.17 10.41
CA TRP A 241 7.54 20.69 10.35
C TRP A 241 7.98 20.22 8.98
N TYR A 242 7.52 20.91 7.96
CA TYR A 242 7.91 20.60 6.60
C TYR A 242 9.28 21.08 6.27
N ARG A 243 9.72 22.07 7.00
CA ARG A 243 11.02 22.66 6.74
C ARG A 243 12.14 21.79 7.32
N ASN A 244 11.74 20.69 7.95
CA ASN A 244 12.68 19.75 8.57
C ASN A 244 12.83 18.40 7.90
N MET A 245 12.18 18.21 6.76
CA MET A 245 12.18 16.92 6.08
C MET A 245 13.59 16.41 5.75
N ASP A 246 14.40 17.25 5.14
CA ASP A 246 15.79 16.89 4.84
C ASP A 246 16.64 16.61 6.07
N ARG A 247 16.51 17.45 7.10
CA ARG A 247 17.20 17.25 8.38
C ARG A 247 16.77 15.92 9.00
N ASN A 248 15.46 15.63 8.97
CA ASN A 248 14.88 14.37 9.48
C ASN A 248 15.32 13.18 8.67
N TRP A 249 15.60 13.41 7.40
CA TRP A 249 16.24 12.41 6.60
C TRP A 249 17.68 12.13 7.10
N GLU A 250 18.49 13.18 7.30
CA GLU A 250 19.82 12.98 7.89
C GLU A 250 19.79 12.29 9.24
N LEU A 251 18.90 12.72 10.12
CA LEU A 251 18.83 12.19 11.47
C LEU A 251 18.55 10.72 11.59
N THR A 252 18.06 10.10 10.53
CA THR A 252 17.49 8.74 10.62
C THR A 252 18.18 7.72 9.70
N GLU A 253 19.35 8.07 9.20
CA GLU A 253 20.16 7.14 8.44
C GLU A 253 20.24 5.78 9.15
N HIS A 254 20.41 5.82 10.47
CA HIS A 254 20.60 4.61 11.30
C HIS A 254 19.38 3.71 11.49
N LEU A 255 18.27 4.00 10.82
CA LEU A 255 17.12 3.07 10.86
C LEU A 255 16.69 2.57 9.46
N ALA A 256 17.65 2.49 8.55
CA ALA A 256 17.35 2.09 7.17
C ALA A 256 17.08 0.59 7.07
N GLY A 257 17.52 -0.17 8.08
CA GLY A 257 17.24 -1.60 8.14
C GLY A 257 16.32 -1.92 9.31
N ALA A 258 15.93 -0.88 10.03
CA ALA A 258 15.04 -1.02 11.17
C ALA A 258 13.61 -1.16 10.71
N THR A 259 12.82 -1.83 11.56
CA THR A 259 11.49 -2.23 11.19
C THR A 259 10.52 -2.01 12.34
N ILE A 260 9.23 -1.91 12.01
CA ILE A 260 8.17 -1.87 12.99
C ILE A 260 7.62 -3.26 13.13
N THR A 261 7.90 -3.86 14.28
CA THR A 261 7.39 -5.16 14.60
C THR A 261 6.11 -5.08 15.40
N ALA A 262 5.79 -3.86 15.79
CA ALA A 262 4.60 -3.62 16.58
C ALA A 262 3.41 -3.88 15.71
N PRO A 263 2.27 -4.20 16.32
CA PRO A 263 1.00 -4.30 15.61
C PRO A 263 0.62 -3.00 14.94
N ALA A 264 0.53 -3.01 13.62
CA ALA A 264 0.28 -1.79 12.86
C ALA A 264 -1.11 -1.73 12.25
N LEU A 265 -1.58 -0.51 12.06
CA LEU A 265 -2.75 -0.23 11.22
C LEU A 265 -2.51 1.03 10.38
N PHE A 266 -2.76 0.91 9.09
CA PHE A 266 -2.78 2.05 8.17
C PHE A 266 -4.21 2.24 7.63
N LEU A 267 -4.65 3.48 7.53
CA LEU A 267 -6.02 3.81 7.25
C LEU A 267 -6.12 5.17 6.62
N ALA A 268 -6.74 5.22 5.45
CA ALA A 268 -6.78 6.40 4.61
C ALA A 268 -8.08 6.49 3.85
N GLY A 269 -8.47 7.71 3.52
CA GLY A 269 -9.54 7.93 2.58
C GLY A 269 -8.96 7.58 1.25
N ALA A 270 -9.63 6.72 0.51
CA ALA A 270 -9.10 6.30 -0.78
C ALA A 270 -8.87 7.49 -1.69
N ALA A 271 -9.50 8.60 -1.38
CA ALA A 271 -9.42 9.80 -2.23
C ALA A 271 -8.46 10.85 -1.70
N ASP A 272 -7.59 10.46 -0.78
CA ASP A 272 -6.61 11.38 -0.21
C ASP A 272 -5.51 11.75 -1.20
N PRO A 273 -5.42 13.05 -1.55
CA PRO A 273 -4.40 13.51 -2.50
C PRO A 273 -2.95 13.12 -2.19
N VAL A 274 -2.62 12.85 -0.93
CA VAL A 274 -1.21 12.70 -0.55
C VAL A 274 -0.70 11.28 -0.84
N LEU A 275 -1.61 10.37 -1.15
CA LEU A 275 -1.22 9.01 -1.53
C LEU A 275 -0.68 8.91 -2.96
N GLY A 276 -0.70 10.00 -3.69
CA GLY A 276 -0.11 10.01 -5.01
C GLY A 276 1.39 10.02 -4.85
N PHE A 277 1.90 10.75 -3.86
CA PHE A 277 3.34 10.81 -3.63
C PHE A 277 3.70 10.25 -2.26
N MET A 278 2.71 9.81 -1.49
CA MET A 278 2.97 9.02 -0.28
C MET A 278 2.41 7.62 -0.42
N ARG A 279 2.80 6.93 -1.48
CA ARG A 279 2.18 5.63 -1.81
C ARG A 279 2.26 4.64 -0.65
N PRO A 280 1.21 3.81 -0.47
CA PRO A 280 1.28 2.81 0.59
C PRO A 280 1.66 1.39 0.13
N GLU A 281 2.26 1.25 -1.05
CA GLU A 281 2.53 -0.09 -1.59
C GLU A 281 3.58 -0.80 -0.76
N ARG A 282 4.59 -0.05 -0.32
CA ARG A 282 5.73 -0.64 0.38
C ARG A 282 5.66 -0.49 1.90
N ALA A 283 4.46 -0.40 2.46
CA ALA A 283 4.30 -0.21 3.90
C ALA A 283 4.70 -1.44 4.72
N THR A 284 4.60 -2.62 4.11
CA THR A 284 4.96 -3.87 4.77
C THR A 284 6.46 -4.10 4.71
N GLU A 285 7.17 -3.25 3.99
CA GLU A 285 8.61 -3.23 4.04
C GLU A 285 9.08 -2.61 5.38
N VAL A 286 8.24 -1.79 5.98
CA VAL A 286 8.60 -1.09 7.20
C VAL A 286 7.86 -1.70 8.36
N ALA A 287 6.56 -1.89 8.16
CA ALA A 287 5.71 -2.46 9.18
C ALA A 287 5.64 -3.96 9.00
N VAL A 288 6.49 -4.69 9.72
CA VAL A 288 6.64 -6.12 9.45
C VAL A 288 5.93 -7.00 10.45
N GLY A 289 5.50 -6.46 11.57
CA GLY A 289 4.61 -7.20 12.41
C GLY A 289 3.21 -7.32 11.80
N PRO A 290 2.20 -7.54 12.65
CA PRO A 290 0.85 -7.45 12.13
C PRO A 290 0.58 -6.10 11.50
N TYR A 291 -0.03 -6.14 10.32
CA TYR A 291 -0.29 -4.97 9.52
C TYR A 291 -1.66 -5.05 8.88
N ARG A 292 -2.22 -3.88 8.65
CA ARG A 292 -3.52 -3.81 8.05
C ARG A 292 -3.74 -2.46 7.35
N GLN A 293 -4.19 -2.56 6.11
CA GLN A 293 -4.58 -1.40 5.32
C GLN A 293 -6.09 -1.28 5.21
N VAL A 294 -6.57 -0.09 5.53
CA VAL A 294 -7.98 0.24 5.41
C VAL A 294 -8.15 1.50 4.54
N LEU A 295 -8.53 1.33 3.26
CA LEU A 295 -8.91 2.47 2.41
C LEU A 295 -10.41 2.67 2.47
N LEU A 296 -10.85 3.88 2.75
CA LEU A 296 -12.27 4.21 2.81
C LEU A 296 -12.72 4.85 1.50
N ASP A 297 -13.59 4.14 0.79
CA ASP A 297 -14.16 4.58 -0.49
C ASP A 297 -14.83 5.92 -0.41
N GLY A 298 -14.44 6.79 -1.33
CA GLY A 298 -14.99 8.12 -1.42
C GLY A 298 -14.59 9.07 -0.28
N ALA A 299 -13.68 8.65 0.60
CA ALA A 299 -13.19 9.55 1.65
C ALA A 299 -11.93 10.20 1.18
N GLY A 300 -11.72 11.43 1.57
CA GLY A 300 -10.51 12.16 1.23
C GLY A 300 -9.57 12.31 2.42
N HIS A 301 -8.98 13.49 2.57
CA HIS A 301 -7.93 13.72 3.56
C HIS A 301 -8.33 13.75 5.04
N TRP A 302 -9.33 14.53 5.41
CA TRP A 302 -9.61 14.83 6.80
C TRP A 302 -10.40 13.68 7.42
N VAL A 303 -9.81 12.49 7.33
CA VAL A 303 -10.55 11.22 7.52
C VAL A 303 -11.28 10.99 8.83
N GLN A 304 -10.64 11.32 9.94
CA GLN A 304 -11.21 11.07 11.26
C GLN A 304 -12.40 11.98 11.50
N GLN A 305 -12.44 13.08 10.76
CA GLN A 305 -13.46 14.08 10.90
C GLN A 305 -14.60 13.76 9.96
N GLU A 306 -14.27 13.26 8.77
CA GLU A 306 -15.28 12.94 7.77
C GLU A 306 -16.04 11.65 8.08
N ARG A 307 -15.30 10.61 8.44
CA ARG A 307 -15.82 9.27 8.66
C ARG A 307 -15.60 8.79 10.07
N PRO A 308 -16.11 9.53 11.04
CA PRO A 308 -15.82 9.34 12.45
C PRO A 308 -16.23 8.00 13.04
N GLN A 309 -17.37 7.46 12.65
CA GLN A 309 -17.85 6.20 13.24
C GLN A 309 -17.04 5.07 12.69
N GLU A 310 -16.64 5.25 11.44
CA GLU A 310 -15.85 4.29 10.72
C GLU A 310 -14.42 4.20 11.29
N VAL A 311 -13.86 5.37 11.56
CA VAL A 311 -12.49 5.51 12.08
C VAL A 311 -12.49 5.10 13.55
N ASN A 312 -13.55 5.41 14.25
CA ASN A 312 -13.72 4.88 15.59
C ASN A 312 -13.69 3.36 15.51
N ALA A 313 -14.64 2.74 14.79
CA ALA A 313 -14.73 1.28 14.73
C ALA A 313 -13.40 0.61 14.35
N ALA A 314 -12.71 1.12 13.33
CA ALA A 314 -11.40 0.56 13.03
C ALA A 314 -10.38 0.74 14.19
N LEU A 315 -10.32 1.92 14.80
CA LEU A 315 -9.40 2.11 15.92
C LEU A 315 -9.72 1.16 17.04
N ILE A 316 -10.98 1.15 17.44
CA ILE A 316 -11.37 0.33 18.55
C ILE A 316 -11.14 -1.16 18.27
N ASP A 317 -11.48 -1.63 17.07
CA ASP A 317 -11.29 -3.04 16.78
C ASP A 317 -9.80 -3.36 16.66
N PHE A 318 -9.01 -2.43 16.13
CA PHE A 318 -7.56 -2.62 16.07
C PHE A 318 -7.06 -2.82 17.47
N LEU A 319 -7.55 -2.00 18.38
CA LEU A 319 -7.03 -2.01 19.73
C LEU A 319 -7.55 -3.13 20.61
N ARG A 320 -8.62 -3.80 20.21
CA ARG A 320 -9.18 -4.84 21.07
C ARG A 320 -8.28 -6.06 21.02
N GLY A 321 -7.90 -6.53 22.20
CA GLY A 321 -7.13 -7.74 22.32
C GLY A 321 -5.64 -7.53 22.42
N LEU A 322 -5.15 -6.33 22.11
CA LEU A 322 -3.71 -6.09 22.18
C LEU A 322 -3.18 -5.88 23.63
N GLU A 323 -1.94 -6.32 23.83
CA GLU A 323 -1.13 -6.05 25.03
C GLU A 323 -0.58 -4.62 25.02
N LEU A 324 -1.26 -3.66 25.66
CA LEU A 324 -0.77 -2.25 25.63
C LEU A 324 -0.28 -1.76 26.98
N GLN A 325 -0.16 -2.69 27.91
CA GLN A 325 0.23 -2.38 29.28
C GLN A 325 1.16 -3.46 29.76
N THR B 7 -20.47 -11.31 -11.22
CA THR B 7 -20.57 -10.10 -12.03
C THR B 7 -21.99 -9.97 -12.61
N PRO B 8 -22.52 -8.75 -12.64
CA PRO B 8 -23.97 -8.62 -12.75
C PRO B 8 -24.53 -8.79 -14.13
N SER B 9 -25.65 -9.51 -14.14
CA SER B 9 -26.45 -9.72 -15.33
C SER B 9 -27.39 -8.57 -15.53
N GLU B 10 -27.92 -8.46 -16.74
CA GLU B 10 -29.08 -7.63 -16.95
C GLU B 10 -30.03 -8.33 -17.94
N ARG B 11 -31.32 -8.30 -17.61
CA ARG B 11 -32.35 -8.84 -18.48
C ARG B 11 -33.64 -8.07 -18.44
N SER B 12 -34.46 -8.28 -19.46
CA SER B 12 -35.76 -7.63 -19.55
C SER B 12 -36.72 -8.43 -18.75
N VAL B 13 -37.62 -7.74 -18.06
CA VAL B 13 -38.60 -8.43 -17.25
C VAL B 13 -39.99 -7.80 -17.49
N GLU B 14 -40.95 -8.65 -17.83
CA GLU B 14 -42.38 -8.33 -17.91
C GLU B 14 -43.06 -8.37 -16.56
N THR B 15 -43.60 -7.25 -16.11
CA THR B 15 -44.16 -7.16 -14.77
C THR B 15 -45.23 -6.11 -14.63
N ASN B 16 -46.38 -6.50 -14.09
CA ASN B 16 -47.40 -5.53 -13.73
C ASN B 16 -47.85 -4.72 -14.96
N GLY B 17 -47.89 -5.36 -16.12
CA GLY B 17 -48.33 -4.70 -17.34
C GLY B 17 -47.35 -3.73 -17.97
N VAL B 18 -46.10 -3.76 -17.51
CA VAL B 18 -45.01 -2.97 -18.09
C VAL B 18 -43.82 -3.89 -18.21
N ARG B 19 -42.69 -3.37 -18.66
CA ARG B 19 -41.42 -4.11 -18.67
C ARG B 19 -40.28 -3.23 -18.21
N LEU B 20 -39.55 -3.79 -17.25
CA LEU B 20 -38.43 -3.16 -16.59
C LEU B 20 -37.12 -3.80 -16.98
N ARG B 21 -36.09 -2.99 -17.05
CA ARG B 21 -34.76 -3.55 -17.21
C ARG B 21 -34.28 -3.98 -15.83
N LEU B 22 -33.81 -5.22 -15.73
CA LEU B 22 -33.44 -5.80 -14.47
C LEU B 22 -31.94 -6.06 -14.47
N VAL B 23 -31.24 -5.55 -13.46
CA VAL B 23 -29.88 -5.98 -13.18
C VAL B 23 -29.97 -7.08 -12.15
N GLU B 24 -29.15 -8.10 -12.30
CA GLU B 24 -29.31 -9.30 -11.51
C GLU B 24 -27.97 -9.94 -11.27
N ALA B 25 -27.77 -10.43 -10.06
CA ALA B 25 -26.56 -11.16 -9.70
C ALA B 25 -26.92 -12.19 -8.65
N GLY B 26 -26.15 -13.26 -8.60
CA GLY B 26 -26.37 -14.30 -7.62
C GLY B 26 -27.09 -15.47 -8.25
N GLU B 27 -27.45 -16.42 -7.41
CA GLU B 27 -28.06 -17.66 -7.84
C GLU B 27 -29.55 -17.62 -7.52
N ARG B 28 -30.36 -17.88 -8.53
CA ARG B 28 -31.79 -18.00 -8.34
C ARG B 28 -31.99 -19.14 -7.36
N GLY B 29 -32.82 -18.92 -6.35
CA GLY B 29 -32.99 -19.89 -5.27
C GLY B 29 -32.43 -19.39 -3.95
N ASP B 30 -31.45 -18.49 -4.01
CA ASP B 30 -30.93 -17.90 -2.78
C ASP B 30 -31.95 -16.91 -2.28
N PRO B 31 -31.86 -16.54 -0.99
CA PRO B 31 -32.80 -15.53 -0.54
C PRO B 31 -32.65 -14.19 -1.27
N LEU B 32 -33.79 -13.72 -1.72
CA LEU B 32 -33.82 -12.69 -2.74
C LEU B 32 -33.93 -11.30 -2.12
N VAL B 33 -33.15 -10.40 -2.67
CA VAL B 33 -33.11 -9.03 -2.25
C VAL B 33 -33.45 -8.12 -3.43
N VAL B 34 -34.48 -7.30 -3.25
CA VAL B 34 -34.89 -6.34 -4.27
C VAL B 34 -34.42 -4.93 -3.87
N LEU B 35 -33.62 -4.31 -4.75
CA LEU B 35 -33.12 -2.97 -4.55
C LEU B 35 -33.88 -1.99 -5.43
N ALA B 36 -34.40 -0.93 -4.81
CA ALA B 36 -35.23 0.06 -5.50
C ALA B 36 -34.55 1.41 -5.49
N HIS B 37 -34.03 1.83 -6.62
CA HIS B 37 -33.29 3.09 -6.68
C HIS B 37 -34.21 4.28 -6.45
N GLY B 38 -33.62 5.47 -6.54
CA GLY B 38 -34.33 6.71 -6.34
C GLY B 38 -34.22 7.73 -7.45
N PHE B 39 -34.61 8.95 -7.09
CA PHE B 39 -34.66 10.09 -8.01
C PHE B 39 -33.44 11.01 -7.89
N PRO B 40 -32.84 11.40 -9.04
CA PRO B 40 -32.90 10.86 -10.41
C PRO B 40 -31.84 9.79 -10.55
N GLU B 41 -32.20 8.54 -10.30
CA GLU B 41 -31.19 7.53 -10.33
C GLU B 41 -31.63 6.30 -11.09
N LEU B 42 -30.85 5.23 -10.92
CA LEU B 42 -30.84 4.09 -11.79
C LEU B 42 -30.38 2.86 -11.03
N ALA B 43 -30.57 1.68 -11.61
CA ALA B 43 -30.06 0.43 -11.03
C ALA B 43 -28.55 0.50 -10.81
N TYR B 44 -27.92 1.43 -11.53
CA TYR B 44 -26.49 1.73 -11.44
C TYR B 44 -26.09 2.13 -10.05
N SER B 45 -26.98 2.89 -9.42
CA SER B 45 -26.77 3.46 -8.12
C SER B 45 -26.55 2.42 -7.01
N TRP B 46 -26.76 1.14 -7.33
CA TRP B 46 -26.48 0.04 -6.41
C TRP B 46 -25.25 -0.79 -6.84
N ARG B 47 -24.42 -0.23 -7.68
CA ARG B 47 -23.25 -0.94 -8.18
C ARG B 47 -22.28 -1.44 -7.07
N HIS B 48 -22.21 -0.76 -5.93
CA HIS B 48 -21.34 -1.16 -4.84
C HIS B 48 -21.97 -2.11 -3.83
N GLN B 49 -23.29 -2.17 -3.83
CA GLN B 49 -24.05 -2.99 -2.90
C GLN B 49 -24.21 -4.40 -3.40
N ILE B 50 -24.28 -4.57 -4.70
CA ILE B 50 -24.74 -5.82 -5.24
C ILE B 50 -23.69 -6.90 -5.07
N PRO B 51 -22.46 -6.63 -5.51
CA PRO B 51 -21.40 -7.59 -5.20
C PRO B 51 -21.39 -8.10 -3.76
N ALA B 52 -21.51 -7.19 -2.81
CA ALA B 52 -21.47 -7.54 -1.39
C ALA B 52 -22.64 -8.40 -1.01
N LEU B 53 -23.85 -8.01 -1.41
CA LEU B 53 -25.06 -8.77 -1.09
C LEU B 53 -25.02 -10.15 -1.70
N VAL B 54 -24.39 -10.24 -2.87
CA VAL B 54 -24.13 -11.54 -3.46
C VAL B 54 -23.14 -12.34 -2.62
N ASP B 55 -21.97 -11.75 -2.34
CA ASP B 55 -20.94 -12.40 -1.55
C ASP B 55 -21.53 -12.80 -0.20
N ALA B 56 -22.55 -12.05 0.22
CA ALA B 56 -23.28 -12.27 1.47
C ALA B 56 -24.19 -13.51 1.48
N GLY B 57 -24.42 -14.09 0.32
CA GLY B 57 -25.29 -15.24 0.21
C GLY B 57 -26.61 -14.98 -0.52
N TYR B 58 -26.77 -13.82 -1.16
CA TYR B 58 -28.10 -13.42 -1.66
C TYR B 58 -28.29 -13.38 -3.16
N HIS B 59 -29.57 -13.33 -3.52
CA HIS B 59 -29.98 -13.11 -4.88
C HIS B 59 -30.49 -11.70 -4.94
N VAL B 60 -29.81 -10.89 -5.73
CA VAL B 60 -30.09 -9.49 -5.76
C VAL B 60 -30.79 -9.18 -7.04
N MET B 61 -31.75 -8.27 -6.95
CA MET B 61 -32.53 -7.82 -8.08
C MET B 61 -32.68 -6.31 -8.04
N ALA B 62 -32.09 -5.59 -9.00
CA ALA B 62 -32.25 -4.13 -9.09
C ALA B 62 -32.71 -3.66 -10.48
N PRO B 63 -34.01 -3.42 -10.64
CA PRO B 63 -34.53 -2.88 -11.90
C PRO B 63 -34.20 -1.39 -12.11
N ASP B 64 -34.19 -0.92 -13.35
CA ASP B 64 -34.52 0.45 -13.60
C ASP B 64 -36.03 0.53 -13.38
N GLN B 65 -36.49 1.41 -12.51
CA GLN B 65 -37.89 1.46 -12.19
C GLN B 65 -38.64 2.30 -13.19
N ARG B 66 -39.96 2.16 -13.17
CA ARG B 66 -40.82 2.68 -14.22
C ARG B 66 -40.52 4.15 -14.52
N GLY B 67 -40.23 4.46 -15.78
CA GLY B 67 -39.82 5.81 -16.15
C GLY B 67 -38.34 6.05 -16.28
N TYR B 68 -37.52 5.03 -16.03
CA TYR B 68 -36.08 5.20 -16.03
C TYR B 68 -35.32 4.22 -16.88
N GLY B 69 -34.14 4.64 -17.31
CA GLY B 69 -33.23 3.76 -18.00
C GLY B 69 -33.91 2.97 -19.06
N GLY B 70 -33.78 1.66 -18.99
CA GLY B 70 -34.26 0.79 -20.05
C GLY B 70 -35.67 0.33 -19.84
N SER B 71 -36.40 1.02 -18.97
CA SER B 71 -37.70 0.56 -18.56
C SER B 71 -38.77 1.29 -19.35
N SER B 72 -40.00 0.81 -19.24
CA SER B 72 -41.15 1.53 -19.79
C SER B 72 -41.26 2.89 -19.15
N ALA B 73 -41.57 3.88 -19.98
CA ALA B 73 -41.86 5.22 -19.52
C ALA B 73 -43.22 5.72 -20.07
N PRO B 74 -44.31 5.31 -19.42
CA PRO B 74 -45.68 5.72 -19.77
C PRO B 74 -45.85 7.21 -19.84
N GLU B 75 -46.51 7.66 -20.89
CA GLU B 75 -46.86 9.05 -20.99
C GLU B 75 -47.84 9.53 -19.93
N ALA B 76 -48.69 8.64 -19.44
CA ALA B 76 -49.70 9.02 -18.47
C ALA B 76 -49.09 9.19 -17.10
N ILE B 77 -49.40 10.32 -16.46
CA ILE B 77 -48.87 10.66 -15.13
C ILE B 77 -49.34 9.66 -14.05
N GLU B 78 -50.62 9.28 -14.11
CA GLU B 78 -51.26 8.36 -13.16
C GLU B 78 -50.68 6.98 -13.25
N ALA B 79 -50.00 6.69 -14.35
CA ALA B 79 -49.32 5.41 -14.51
C ALA B 79 -48.20 5.24 -13.51
N TYR B 80 -47.86 6.30 -12.79
CA TYR B 80 -46.69 6.33 -11.92
C TYR B 80 -47.06 6.44 -10.42
N ASP B 81 -48.29 6.12 -10.04
CA ASP B 81 -48.69 6.20 -8.63
C ASP B 81 -48.16 4.99 -7.84
N ILE B 82 -48.32 5.06 -6.52
CA ILE B 82 -47.64 4.15 -5.59
C ILE B 82 -48.15 2.71 -5.68
N THR B 83 -49.40 2.53 -6.07
CA THR B 83 -49.91 1.17 -6.32
C THR B 83 -49.22 0.48 -7.50
N ARG B 84 -48.91 1.25 -8.54
CA ARG B 84 -48.23 0.77 -9.74
C ARG B 84 -46.77 0.39 -9.50
N LEU B 85 -46.04 1.36 -8.97
CA LEU B 85 -44.67 1.18 -8.56
C LEU B 85 -44.49 -0.04 -7.66
N THR B 86 -45.31 -0.17 -6.62
CA THR B 86 -45.23 -1.31 -5.70
C THR B 86 -45.55 -2.65 -6.33
N ALA B 87 -46.49 -2.71 -7.24
CA ALA B 87 -46.79 -3.99 -7.88
C ALA B 87 -45.68 -4.38 -8.86
N ASP B 88 -45.09 -3.41 -9.54
CA ASP B 88 -43.92 -3.67 -10.37
C ASP B 88 -42.91 -4.52 -9.63
N LEU B 89 -42.61 -4.18 -8.39
CA LEU B 89 -41.57 -4.89 -7.66
C LEU B 89 -42.03 -6.27 -7.29
N MET B 90 -43.28 -6.40 -6.96
CA MET B 90 -43.81 -7.70 -6.61
C MET B 90 -43.77 -8.66 -7.80
N GLY B 91 -44.03 -8.12 -8.99
CA GLY B 91 -43.99 -8.94 -10.18
C GLY B 91 -42.65 -9.54 -10.52
N LEU B 92 -41.58 -9.01 -9.91
CA LEU B 92 -40.21 -9.55 -10.08
C LEU B 92 -40.13 -10.85 -9.33
N LEU B 93 -40.75 -10.85 -8.15
CA LEU B 93 -40.88 -12.02 -7.32
C LEU B 93 -41.74 -13.05 -8.01
N ASP B 94 -42.90 -12.59 -8.50
CA ASP B 94 -43.77 -13.47 -9.31
C ASP B 94 -42.96 -14.12 -10.41
N ASP B 95 -42.24 -13.29 -11.15
CA ASP B 95 -41.46 -13.74 -12.28
C ASP B 95 -40.62 -14.98 -12.01
N ILE B 96 -39.87 -15.00 -10.93
CA ILE B 96 -39.03 -16.15 -10.64
C ILE B 96 -39.71 -17.04 -9.62
N GLY B 97 -40.86 -16.61 -9.12
CA GLY B 97 -41.68 -17.48 -8.31
C GLY B 97 -41.40 -17.41 -6.82
N ALA B 98 -41.01 -16.23 -6.33
CA ALA B 98 -40.77 -16.06 -4.90
C ALA B 98 -41.95 -15.49 -4.11
N GLU B 99 -42.21 -16.13 -2.99
CA GLU B 99 -43.28 -15.77 -2.09
C GLU B 99 -42.97 -14.50 -1.31
N LYS B 100 -41.69 -14.31 -1.06
CA LYS B 100 -41.24 -13.21 -0.22
C LYS B 100 -39.87 -12.77 -0.65
N ALA B 101 -39.51 -11.53 -0.31
CA ALA B 101 -38.13 -11.11 -0.45
C ALA B 101 -37.81 -9.98 0.49
N ALA B 102 -36.59 -9.53 0.41
CA ALA B 102 -36.19 -8.34 1.13
C ALA B 102 -36.23 -7.14 0.21
N PHE B 103 -36.79 -6.05 0.70
CA PHE B 103 -36.93 -4.84 -0.09
C PHE B 103 -36.16 -3.73 0.52
N ILE B 104 -35.21 -3.20 -0.24
CA ILE B 104 -34.33 -2.13 0.17
C ILE B 104 -34.39 -1.08 -0.90
N GLY B 105 -34.57 0.16 -0.49
CA GLY B 105 -34.65 1.23 -1.46
C GLY B 105 -34.00 2.49 -0.95
N HIS B 106 -33.59 3.33 -1.89
CA HIS B 106 -33.06 4.63 -1.54
C HIS B 106 -33.94 5.73 -2.14
N ASP B 107 -34.32 6.70 -1.30
CA ASP B 107 -35.04 7.90 -1.73
C ASP B 107 -36.51 7.58 -2.05
N TRP B 108 -36.99 7.93 -3.24
CA TRP B 108 -38.29 7.49 -3.68
C TRP B 108 -38.44 5.96 -3.62
N GLY B 109 -37.41 5.24 -4.02
CA GLY B 109 -37.38 3.80 -3.87
C GLY B 109 -37.60 3.33 -2.44
N ALA B 110 -37.29 4.17 -1.46
CA ALA B 110 -37.53 3.84 -0.05
C ALA B 110 -38.99 4.12 0.31
N LEU B 111 -39.56 5.13 -0.29
CA LEU B 111 -40.96 5.37 -0.16
C LEU B 111 -41.77 4.21 -0.75
N VAL B 112 -41.26 3.68 -1.85
CA VAL B 112 -41.87 2.55 -2.52
C VAL B 112 -41.81 1.37 -1.59
N VAL B 113 -40.65 1.09 -1.00
CA VAL B 113 -40.48 -0.10 -0.16
C VAL B 113 -41.29 0.03 1.12
N TRP B 114 -41.32 1.22 1.70
CA TRP B 114 -42.10 1.46 2.89
C TRP B 114 -43.58 1.17 2.56
N ASN B 115 -44.07 1.71 1.45
CA ASN B 115 -45.44 1.42 1.03
C ASN B 115 -45.74 -0.03 0.72
N ALA B 116 -44.81 -0.70 0.05
CA ALA B 116 -44.94 -2.12 -0.19
C ALA B 116 -45.06 -2.91 1.11
N ALA B 117 -44.39 -2.46 2.16
CA ALA B 117 -44.49 -3.15 3.45
C ALA B 117 -45.88 -3.17 3.99
N LEU B 118 -46.58 -2.07 3.77
CA LEU B 118 -47.97 -1.90 4.17
C LEU B 118 -48.92 -2.57 3.23
N LEU B 119 -48.62 -2.50 1.94
CA LEU B 119 -49.55 -2.98 0.94
C LEU B 119 -49.43 -4.46 0.65
N TYR B 120 -48.31 -5.08 0.97
CA TYR B 120 -48.16 -6.51 0.75
C TYR B 120 -47.44 -7.24 1.89
N PRO B 121 -47.93 -7.13 3.11
CA PRO B 121 -47.22 -7.61 4.32
C PRO B 121 -46.82 -9.06 4.23
N ASP B 122 -47.55 -9.73 3.34
CA ASP B 122 -47.39 -11.14 3.02
C ASP B 122 -46.14 -11.47 2.20
N ARG B 123 -45.60 -10.51 1.44
CA ARG B 123 -44.49 -10.75 0.53
C ARG B 123 -43.19 -10.04 1.00
N VAL B 124 -43.36 -9.17 1.97
CA VAL B 124 -42.20 -8.46 2.53
C VAL B 124 -41.77 -9.04 3.89
N ALA B 125 -40.58 -9.60 3.87
CA ALA B 125 -40.02 -10.33 4.99
C ALA B 125 -39.05 -9.45 5.77
N ALA B 126 -38.73 -8.32 5.17
CA ALA B 126 -37.86 -7.32 5.76
C ALA B 126 -37.78 -6.16 4.80
N VAL B 127 -37.63 -4.97 5.35
CA VAL B 127 -37.59 -3.78 4.52
C VAL B 127 -36.53 -2.87 5.12
N ALA B 128 -35.86 -2.13 4.25
CA ALA B 128 -34.90 -1.14 4.69
C ALA B 128 -35.18 0.08 3.85
N GLY B 129 -35.14 1.26 4.46
CA GLY B 129 -35.34 2.50 3.75
C GLY B 129 -34.13 3.36 3.94
N LEU B 130 -33.53 3.78 2.84
CA LEU B 130 -32.38 4.65 2.86
C LEU B 130 -32.82 6.09 2.59
N SER B 131 -32.30 7.01 3.40
CA SER B 131 -32.51 8.45 3.23
C SER B 131 -33.91 8.93 3.62
N VAL B 132 -34.96 8.29 3.09
CA VAL B 132 -36.32 8.68 3.42
C VAL B 132 -36.97 7.70 4.42
N PRO B 133 -37.40 8.21 5.60
CA PRO B 133 -37.93 7.36 6.66
C PRO B 133 -39.42 7.08 6.53
N PRO B 134 -39.93 6.09 7.27
CA PRO B 134 -41.37 5.94 7.42
C PRO B 134 -41.94 7.09 8.20
N VAL B 135 -43.07 7.58 7.72
CA VAL B 135 -43.67 8.76 8.27
C VAL B 135 -45.17 8.52 8.25
N PRO B 136 -45.84 8.75 9.39
CA PRO B 136 -47.29 8.58 9.43
C PRO B 136 -47.96 9.33 8.30
N ARG B 137 -49.14 8.87 7.87
CA ARG B 137 -49.91 9.57 6.85
C ARG B 137 -50.33 10.94 7.35
N SER B 138 -50.21 11.94 6.50
CA SER B 138 -50.56 13.27 6.92
C SER B 138 -52.05 13.35 7.00
N LEU B 139 -52.55 14.33 7.72
CA LEU B 139 -53.96 14.61 7.73
C LEU B 139 -54.39 15.31 6.45
N THR B 140 -53.53 16.20 5.97
CA THR B 140 -53.80 17.06 4.84
C THR B 140 -53.03 16.50 3.66
N ARG B 141 -53.52 16.71 2.44
CA ARG B 141 -52.78 16.20 1.30
C ARG B 141 -51.44 16.94 1.26
N PRO B 142 -50.35 16.23 0.93
CA PRO B 142 -48.98 16.74 0.83
C PRO B 142 -48.82 18.13 0.22
N THR B 143 -49.43 18.33 -0.93
CA THR B 143 -49.28 19.57 -1.69
C THR B 143 -49.75 20.75 -0.83
N GLU B 144 -50.55 20.39 0.16
CA GLU B 144 -51.12 21.40 1.05
C GLU B 144 -50.33 21.46 2.34
N ALA B 145 -49.80 20.32 2.77
CA ALA B 145 -48.87 20.30 3.89
C ALA B 145 -47.65 21.15 3.53
N PHE B 146 -47.23 21.05 2.28
CA PHE B 146 -46.00 21.70 1.83
C PHE B 146 -46.18 23.21 1.60
N ARG B 147 -47.32 23.61 1.09
CA ARG B 147 -47.59 25.03 0.94
C ARG B 147 -47.73 25.67 2.30
N ALA B 148 -48.13 24.87 3.27
CA ALA B 148 -48.30 25.33 4.63
C ALA B 148 -46.95 25.52 5.29
N LEU B 149 -46.07 24.57 5.02
CA LEU B 149 -44.73 24.70 5.49
C LEU B 149 -43.97 25.88 4.88
N VAL B 150 -44.03 26.08 3.55
CA VAL B 150 -43.22 27.14 2.93
C VAL B 150 -43.99 28.30 2.34
N GLY B 151 -45.32 28.26 2.35
CA GLY B 151 -46.08 29.28 1.65
C GLY B 151 -46.07 29.08 0.15
N GLU B 152 -46.48 30.10 -0.59
CA GLU B 152 -46.58 30.00 -2.05
C GLU B 152 -45.80 31.09 -2.81
N ASP B 153 -44.90 31.78 -2.12
CA ASP B 153 -43.98 32.74 -2.74
C ASP B 153 -42.54 32.21 -2.66
N ASN B 154 -42.16 31.66 -1.50
CA ASN B 154 -40.91 30.90 -1.42
C ASN B 154 -40.86 29.78 -2.43
N PHE B 155 -39.65 29.46 -2.87
CA PHE B 155 -39.42 28.32 -3.76
C PHE B 155 -39.24 27.05 -2.98
N PHE B 156 -39.91 26.00 -3.44
CA PHE B 156 -39.73 24.67 -2.88
C PHE B 156 -39.82 23.64 -3.98
N TYR B 157 -38.81 22.79 -4.08
CA TYR B 157 -38.65 21.97 -5.25
C TYR B 157 -39.79 21.01 -5.52
N ILE B 158 -40.39 20.44 -4.49
CA ILE B 158 -41.47 19.46 -4.71
C ILE B 158 -42.69 20.17 -5.29
N LEU B 159 -42.92 21.42 -4.91
CA LEU B 159 -44.02 22.18 -5.49
C LEU B 159 -43.70 22.64 -6.94
N TYR B 160 -42.47 23.06 -7.17
CA TYR B 160 -42.01 23.40 -8.52
C TYR B 160 -42.09 22.26 -9.56
N PHE B 161 -41.94 21.04 -9.09
CA PHE B 161 -42.01 19.83 -9.90
C PHE B 161 -43.42 19.44 -10.31
N GLN B 162 -44.43 20.11 -9.74
CA GLN B 162 -45.80 19.66 -9.90
C GLN B 162 -46.29 19.88 -11.32
N GLU B 163 -46.34 21.12 -11.80
CA GLU B 163 -46.95 21.40 -13.10
C GLU B 163 -46.16 20.70 -14.18
N PRO B 164 -46.80 19.79 -14.95
CA PRO B 164 -46.12 19.21 -16.11
C PRO B 164 -45.47 20.19 -17.08
N GLY B 165 -44.29 19.82 -17.56
CA GLY B 165 -43.53 20.63 -18.49
C GLY B 165 -42.45 21.55 -17.94
N VAL B 166 -42.64 22.16 -16.78
CA VAL B 166 -41.68 23.20 -16.41
C VAL B 166 -40.37 22.67 -15.85
N ALA B 167 -40.43 21.83 -14.82
CA ALA B 167 -39.19 21.29 -14.28
C ALA B 167 -38.55 20.35 -15.29
N ASP B 168 -39.37 19.73 -16.12
CA ASP B 168 -38.89 18.83 -17.16
C ASP B 168 -37.99 19.53 -18.18
N ALA B 169 -38.45 20.67 -18.66
CA ALA B 169 -37.68 21.48 -19.55
C ALA B 169 -36.38 21.95 -18.89
N GLU B 170 -36.44 22.36 -17.63
CA GLU B 170 -35.22 22.80 -16.95
C GLU B 170 -34.23 21.69 -16.83
N LEU B 171 -34.66 20.61 -16.23
CA LEU B 171 -33.75 19.52 -16.00
C LEU B 171 -33.24 18.94 -17.31
N ASP B 172 -34.11 18.79 -18.31
CA ASP B 172 -33.68 18.25 -19.63
C ASP B 172 -32.84 19.22 -20.45
N GLY B 173 -33.02 20.52 -20.25
CA GLY B 173 -32.22 21.52 -20.95
C GLY B 173 -30.69 21.35 -20.90
N ASP B 174 -30.20 20.69 -19.86
CA ASP B 174 -28.77 20.51 -19.66
C ASP B 174 -28.58 19.33 -18.73
N PRO B 175 -28.64 18.12 -19.28
CA PRO B 175 -28.56 16.97 -18.40
C PRO B 175 -27.25 16.94 -17.62
N ALA B 176 -26.16 17.46 -18.19
CA ALA B 176 -24.88 17.52 -17.49
C ALA B 176 -24.96 18.39 -16.26
N ARG B 177 -25.50 19.59 -16.39
CA ARG B 177 -25.59 20.53 -15.27
C ARG B 177 -26.41 19.89 -14.17
N THR B 178 -27.52 19.32 -14.55
CA THR B 178 -28.41 18.70 -13.59
C THR B 178 -27.75 17.63 -12.69
N MET B 179 -27.15 16.63 -13.32
CA MET B 179 -26.50 15.53 -12.61
C MET B 179 -25.26 15.97 -11.77
N ARG B 180 -24.45 16.87 -12.32
CA ARG B 180 -23.33 17.46 -11.59
C ARG B 180 -23.78 18.16 -10.33
N ARG B 181 -24.74 19.07 -10.49
CA ARG B 181 -25.24 19.82 -9.35
C ARG B 181 -26.10 18.95 -8.44
N MET B 182 -26.72 17.91 -8.95
CA MET B 182 -27.42 16.96 -8.08
C MET B 182 -26.45 16.31 -7.13
N PHE B 183 -25.48 15.62 -7.71
CA PHE B 183 -24.57 14.86 -6.90
C PHE B 183 -23.62 15.72 -6.07
N GLY B 184 -23.29 16.89 -6.58
CA GLY B 184 -22.36 17.74 -5.88
C GLY B 184 -23.01 18.86 -5.13
N GLY B 185 -24.22 19.22 -5.50
CA GLY B 185 -24.78 20.47 -5.06
C GLY B 185 -25.84 20.28 -4.02
N LEU B 186 -26.18 19.04 -3.66
CA LEU B 186 -27.05 18.87 -2.47
C LEU B 186 -26.27 19.07 -1.20
N THR B 187 -26.80 19.87 -0.29
CA THR B 187 -26.14 20.18 0.94
C THR B 187 -27.24 20.73 1.79
N SER B 188 -27.14 20.55 3.10
CA SER B 188 -28.09 21.18 3.99
C SER B 188 -27.44 22.41 4.62
N ASP B 189 -26.45 22.98 3.93
CA ASP B 189 -25.81 24.22 4.34
C ASP B 189 -26.84 25.35 4.42
N PRO B 190 -26.83 26.13 5.51
CA PRO B 190 -27.90 27.13 5.63
C PRO B 190 -27.82 28.36 4.73
N ASP B 191 -26.66 28.69 4.19
CA ASP B 191 -26.60 29.80 3.24
C ASP B 191 -27.20 29.34 1.94
N ALA B 192 -26.88 28.12 1.59
CA ALA B 192 -27.43 27.49 0.42
C ALA B 192 -28.94 27.41 0.56
N ALA B 193 -29.38 26.85 1.67
CA ALA B 193 -30.79 26.58 1.91
C ALA B 193 -31.58 27.85 1.71
N HIS B 194 -31.00 28.94 2.19
CA HIS B 194 -31.64 30.25 2.11
C HIS B 194 -31.84 30.68 0.67
N ARG B 195 -30.83 30.48 -0.15
CA ARG B 195 -30.89 30.87 -1.55
C ARG B 195 -31.77 29.93 -2.37
N MET B 196 -31.83 28.67 -1.96
CA MET B 196 -32.81 27.72 -2.53
C MET B 196 -34.24 28.12 -2.24
N LEU B 197 -34.53 28.57 -1.03
CA LEU B 197 -35.85 29.07 -0.73
C LEU B 197 -36.18 30.43 -1.31
N GLN B 198 -35.22 31.17 -1.82
CA GLN B 198 -35.54 32.53 -2.23
C GLN B 198 -36.61 32.60 -3.31
N PRO B 199 -37.58 33.51 -3.14
CA PRO B 199 -38.52 33.83 -4.23
C PRO B 199 -37.85 34.37 -5.49
N GLY B 200 -38.32 33.85 -6.63
CA GLY B 200 -37.95 34.32 -7.95
C GLY B 200 -38.18 33.25 -8.99
N PRO B 201 -38.02 33.61 -10.27
CA PRO B 201 -38.09 32.78 -11.48
C PRO B 201 -37.16 31.58 -11.53
N ALA B 202 -35.99 31.64 -10.90
CA ALA B 202 -35.00 30.60 -11.07
C ALA B 202 -35.53 29.24 -10.70
N GLY B 203 -35.03 28.23 -11.38
CA GLY B 203 -35.40 26.84 -11.14
C GLY B 203 -34.65 26.16 -10.04
N PHE B 204 -34.74 24.85 -10.07
CA PHE B 204 -34.15 24.02 -9.05
C PHE B 204 -32.66 23.91 -9.22
N ILE B 205 -32.26 23.36 -10.36
CA ILE B 205 -30.85 23.23 -10.75
C ILE B 205 -30.18 24.61 -10.70
N ASP B 206 -30.95 25.62 -11.09
CA ASP B 206 -30.45 26.97 -11.08
C ASP B 206 -30.00 27.28 -9.68
N ARG B 207 -30.83 26.92 -8.73
CA ARG B 207 -30.60 27.25 -7.33
C ARG B 207 -29.56 26.39 -6.67
N LEU B 208 -29.05 25.39 -7.38
CA LEU B 208 -28.11 24.50 -6.79
C LEU B 208 -26.67 24.96 -7.00
N PRO B 209 -25.82 24.85 -5.98
CA PRO B 209 -24.42 25.23 -6.24
C PRO B 209 -23.78 24.23 -7.19
N GLU B 210 -22.88 24.69 -8.05
CA GLU B 210 -22.22 23.82 -9.00
C GLU B 210 -20.84 23.45 -8.47
N PRO B 211 -20.51 22.15 -8.48
CA PRO B 211 -19.28 21.75 -7.79
C PRO B 211 -18.01 22.17 -8.53
N GLU B 212 -17.05 22.66 -7.77
CA GLU B 212 -15.77 23.03 -8.33
C GLU B 212 -15.01 21.80 -8.80
N ALA B 213 -15.01 20.79 -7.95
CA ALA B 213 -14.42 19.53 -8.29
C ALA B 213 -15.43 18.42 -8.02
N LEU B 214 -15.21 17.28 -8.66
CA LEU B 214 -16.02 16.10 -8.39
C LEU B 214 -16.03 15.69 -6.95
N PRO B 215 -17.19 15.18 -6.47
CA PRO B 215 -17.17 14.56 -5.14
C PRO B 215 -16.12 13.48 -5.15
N ASP B 216 -15.54 13.17 -3.99
CA ASP B 216 -14.47 12.19 -3.86
C ASP B 216 -15.00 10.79 -4.17
N TRP B 217 -16.32 10.63 -4.06
CA TRP B 217 -16.99 9.34 -4.24
C TRP B 217 -17.59 9.09 -5.60
N LEU B 218 -17.25 9.92 -6.57
CA LEU B 218 -17.83 9.77 -7.89
C LEU B 218 -16.86 10.08 -9.04
N THR B 219 -16.60 9.07 -9.84
CA THR B 219 -15.71 9.24 -10.98
C THR B 219 -16.47 9.88 -12.13
N ALA B 220 -15.74 10.49 -13.05
CA ALA B 220 -16.37 11.11 -14.18
C ALA B 220 -17.00 10.03 -15.05
N GLU B 221 -16.47 8.83 -14.99
CA GLU B 221 -17.00 7.69 -15.76
C GLU B 221 -18.41 7.31 -15.29
N GLU B 222 -18.55 7.12 -13.99
CA GLU B 222 -19.82 6.88 -13.33
C GLU B 222 -20.83 8.00 -13.61
N LEU B 223 -20.46 9.21 -13.31
CA LEU B 223 -21.30 10.35 -13.62
C LEU B 223 -21.76 10.32 -15.09
N ASP B 224 -20.79 10.13 -15.97
CA ASP B 224 -21.04 10.24 -17.41
C ASP B 224 -22.11 9.27 -17.83
N HIS B 225 -22.24 8.21 -17.06
CA HIS B 225 -23.23 7.18 -17.33
C HIS B 225 -24.65 7.66 -17.00
N TYR B 226 -24.80 8.32 -15.85
CA TYR B 226 -26.08 8.93 -15.49
C TYR B 226 -26.50 9.94 -16.52
N ILE B 227 -25.58 10.84 -16.82
CA ILE B 227 -25.80 11.89 -17.80
C ILE B 227 -26.25 11.33 -19.15
N ALA B 228 -25.55 10.32 -19.66
CA ALA B 228 -25.98 9.66 -20.91
C ALA B 228 -27.39 9.13 -20.78
N GLU B 229 -27.64 8.30 -19.77
CA GLU B 229 -28.95 7.68 -19.68
C GLU B 229 -30.10 8.68 -19.49
N PHE B 230 -29.86 9.76 -18.76
CA PHE B 230 -30.90 10.75 -18.60
C PHE B 230 -30.99 11.70 -19.79
N THR B 231 -29.92 11.83 -20.54
CA THR B 231 -30.01 12.48 -21.83
C THR B 231 -30.90 11.70 -22.76
N ARG B 232 -30.67 10.38 -22.83
CA ARG B 232 -31.50 9.50 -23.66
C ARG B 232 -32.96 9.47 -23.20
N THR B 233 -33.23 9.23 -21.92
CA THR B 233 -34.61 9.12 -21.47
C THR B 233 -35.30 10.43 -21.16
N GLY B 234 -34.59 11.43 -20.69
CA GLY B 234 -35.23 12.60 -20.11
C GLY B 234 -35.50 12.40 -18.62
N PHE B 235 -36.05 13.44 -18.00
CA PHE B 235 -36.29 13.47 -16.55
C PHE B 235 -37.77 13.44 -16.21
N THR B 236 -38.64 13.44 -17.22
CA THR B 236 -40.09 13.46 -17.01
C THR B 236 -40.58 12.25 -16.22
N GLY B 237 -40.17 11.05 -16.62
CA GLY B 237 -40.60 9.81 -15.97
C GLY B 237 -40.47 9.73 -14.46
N GLY B 238 -39.33 10.18 -13.95
CA GLY B 238 -39.16 10.34 -12.52
C GLY B 238 -39.86 11.54 -11.91
N LEU B 239 -40.09 12.57 -12.69
CA LEU B 239 -40.73 13.77 -12.18
C LEU B 239 -42.19 13.52 -11.95
N ASN B 240 -42.73 12.61 -12.73
CA ASN B 240 -44.12 12.22 -12.62
C ASN B 240 -44.40 11.44 -11.35
N TRP B 241 -43.35 10.92 -10.70
CA TRP B 241 -43.51 10.26 -9.39
C TRP B 241 -43.89 11.30 -8.33
N TYR B 242 -43.31 12.50 -8.45
CA TYR B 242 -43.68 13.62 -7.57
C TYR B 242 -45.03 14.19 -7.84
N ARG B 243 -45.46 14.09 -9.09
CA ARG B 243 -46.75 14.61 -9.50
C ARG B 243 -47.92 13.75 -8.96
N ASN B 244 -47.55 12.61 -8.38
CA ASN B 244 -48.47 11.63 -7.84
C ASN B 244 -48.50 11.58 -6.32
N MET B 245 -47.98 12.58 -5.67
CA MET B 245 -47.98 12.57 -4.20
C MET B 245 -49.40 12.70 -3.62
N ASP B 246 -50.15 13.68 -4.08
CA ASP B 246 -51.53 13.85 -3.67
C ASP B 246 -52.38 12.64 -4.02
N ARG B 247 -52.16 12.13 -5.22
CA ARG B 247 -52.88 10.96 -5.69
C ARG B 247 -52.59 9.78 -4.78
N ASN B 248 -51.31 9.53 -4.53
CA ASN B 248 -50.91 8.44 -3.64
C ASN B 248 -51.49 8.62 -2.26
N TRP B 249 -51.65 9.87 -1.86
CA TRP B 249 -52.32 10.15 -0.63
C TRP B 249 -53.82 9.76 -0.67
N GLU B 250 -54.53 10.06 -1.76
CA GLU B 250 -55.91 9.55 -1.94
C GLU B 250 -55.95 8.03 -1.83
N LEU B 251 -55.09 7.37 -2.60
CA LEU B 251 -55.06 5.92 -2.74
C LEU B 251 -54.74 5.10 -1.50
N THR B 252 -54.36 5.75 -0.41
CA THR B 252 -53.87 5.05 0.78
C THR B 252 -54.54 5.51 2.06
N GLU B 253 -55.71 6.10 1.96
CA GLU B 253 -56.43 6.47 3.16
C GLU B 253 -56.64 5.23 4.03
N HIS B 254 -56.72 4.07 3.39
CA HIS B 254 -56.98 2.80 4.11
C HIS B 254 -55.79 2.27 4.90
N LEU B 255 -54.65 2.96 4.86
CA LEU B 255 -53.45 2.53 5.59
C LEU B 255 -53.04 3.55 6.62
N ALA B 256 -53.97 4.43 6.91
CA ALA B 256 -53.86 5.27 8.07
C ALA B 256 -53.98 4.36 9.28
N GLY B 257 -52.99 4.44 10.17
CA GLY B 257 -52.97 3.64 11.38
C GLY B 257 -52.36 2.27 11.17
N ALA B 258 -52.26 1.86 9.91
CA ALA B 258 -51.64 0.59 9.58
C ALA B 258 -50.17 0.64 9.90
N THR B 259 -49.57 -0.53 10.05
CA THR B 259 -48.23 -0.61 10.61
C THR B 259 -47.40 -1.69 9.95
N ILE B 260 -46.08 -1.46 9.92
CA ILE B 260 -45.14 -2.47 9.46
C ILE B 260 -44.62 -3.21 10.67
N THR B 261 -44.73 -4.53 10.60
CA THR B 261 -44.35 -5.39 11.71
C THR B 261 -43.15 -6.26 11.34
N ALA B 262 -42.71 -6.13 10.10
CA ALA B 262 -41.56 -6.86 9.66
C ALA B 262 -40.37 -6.14 10.25
N PRO B 263 -39.19 -6.77 10.19
CA PRO B 263 -37.92 -6.15 10.59
C PRO B 263 -37.56 -4.96 9.71
N ALA B 264 -37.37 -3.80 10.30
CA ALA B 264 -37.14 -2.58 9.55
C ALA B 264 -35.78 -2.01 9.86
N LEU B 265 -35.26 -1.25 8.90
CA LEU B 265 -34.09 -0.44 9.12
C LEU B 265 -34.32 0.89 8.45
N PHE B 266 -33.86 1.94 9.11
CA PHE B 266 -33.74 3.23 8.48
C PHE B 266 -32.25 3.58 8.52
N LEU B 267 -31.80 4.28 7.47
CA LEU B 267 -30.41 4.54 7.23
C LEU B 267 -30.29 5.77 6.38
N ALA B 268 -29.52 6.74 6.85
CA ALA B 268 -29.46 8.05 6.22
C ALA B 268 -28.19 8.79 6.58
N GLY B 269 -27.73 9.66 5.69
CA GLY B 269 -26.64 10.53 6.02
C GLY B 269 -27.28 11.56 6.90
N ALA B 270 -26.65 11.87 8.02
CA ALA B 270 -27.19 12.86 8.92
C ALA B 270 -27.36 14.19 8.21
N ALA B 271 -26.57 14.41 7.17
CA ALA B 271 -26.52 15.70 6.46
C ALA B 271 -27.47 15.78 5.27
N ASP B 272 -28.34 14.79 5.15
CA ASP B 272 -29.36 14.74 4.09
C ASP B 272 -30.45 15.82 4.26
N PRO B 273 -30.55 16.75 3.30
CA PRO B 273 -31.52 17.85 3.40
C PRO B 273 -32.99 17.44 3.53
N VAL B 274 -33.30 16.20 3.19
CA VAL B 274 -34.70 15.79 3.13
C VAL B 274 -35.23 15.39 4.50
N LEU B 275 -34.34 15.05 5.43
CA LEU B 275 -34.78 14.80 6.80
C LEU B 275 -35.24 16.10 7.44
N GLY B 276 -35.02 17.21 6.76
CA GLY B 276 -35.50 18.47 7.27
C GLY B 276 -37.01 18.51 7.30
N PHE B 277 -37.64 17.89 6.32
CA PHE B 277 -39.10 17.89 6.21
C PHE B 277 -39.65 16.48 6.07
N MET B 278 -38.77 15.49 5.94
CA MET B 278 -39.21 14.11 6.00
C MET B 278 -38.67 13.42 7.25
N ARG B 279 -39.17 13.92 8.36
CA ARG B 279 -38.55 13.71 9.65
C ARG B 279 -38.71 12.28 10.11
N PRO B 280 -37.70 11.72 10.78
CA PRO B 280 -37.78 10.31 11.13
C PRO B 280 -38.08 10.07 12.60
N GLU B 281 -38.43 11.13 13.34
CA GLU B 281 -38.69 11.00 14.79
C GLU B 281 -39.94 10.18 15.02
N ARG B 282 -40.76 10.02 13.99
CA ARG B 282 -42.03 9.28 14.10
C ARG B 282 -42.05 7.98 13.30
N ALA B 283 -40.89 7.52 12.86
CA ALA B 283 -40.76 6.28 12.12
C ALA B 283 -41.40 5.12 12.85
N THR B 284 -41.34 5.19 14.16
CA THR B 284 -41.67 4.08 15.05
C THR B 284 -43.16 4.00 15.37
N GLU B 285 -43.92 4.98 14.89
CA GLU B 285 -45.36 4.86 14.88
C GLU B 285 -45.83 3.97 13.73
N VAL B 286 -45.07 3.97 12.65
CA VAL B 286 -45.44 3.24 11.46
C VAL B 286 -44.82 1.87 11.50
N ALA B 287 -43.56 1.86 11.89
CA ALA B 287 -42.76 0.65 11.92
C ALA B 287 -42.63 0.10 13.31
N VAL B 288 -43.53 -0.82 13.66
CA VAL B 288 -43.68 -1.23 15.06
C VAL B 288 -43.02 -2.55 15.42
N GLY B 289 -42.53 -3.27 14.43
CA GLY B 289 -41.73 -4.44 14.73
C GLY B 289 -40.29 -4.06 15.04
N PRO B 290 -39.36 -4.95 14.74
CA PRO B 290 -37.96 -4.55 14.87
C PRO B 290 -37.59 -3.34 14.03
N TYR B 291 -36.93 -2.39 14.70
CA TYR B 291 -36.56 -1.12 14.09
C TYR B 291 -35.20 -0.64 14.54
N ARG B 292 -34.42 -0.19 13.56
CA ARG B 292 -33.14 0.42 13.79
C ARG B 292 -33.09 1.68 12.94
N GLN B 293 -32.69 2.77 13.58
CA GLN B 293 -32.21 3.93 12.87
C GLN B 293 -30.67 4.01 12.86
N VAL B 294 -30.12 4.26 11.67
CA VAL B 294 -28.71 4.55 11.49
C VAL B 294 -28.61 5.91 10.83
N LEU B 295 -27.88 6.85 11.45
CA LEU B 295 -27.56 8.13 10.84
C LEU B 295 -26.07 8.21 10.66
N LEU B 296 -25.65 8.39 9.42
CA LEU B 296 -24.23 8.41 9.11
C LEU B 296 -23.70 9.83 9.13
N ASP B 297 -22.81 10.06 10.10
CA ASP B 297 -22.28 11.38 10.35
C ASP B 297 -21.34 11.89 9.30
N GLY B 298 -21.65 13.09 8.80
CA GLY B 298 -20.91 13.70 7.72
C GLY B 298 -21.41 13.30 6.33
N ALA B 299 -22.44 12.46 6.28
CA ALA B 299 -22.91 11.92 5.02
C ALA B 299 -24.18 12.62 4.59
N GLY B 300 -24.29 12.82 3.29
CA GLY B 300 -25.40 13.54 2.73
C GLY B 300 -26.35 12.59 2.05
N HIS B 301 -26.84 12.97 0.88
CA HIS B 301 -28.00 12.29 0.27
C HIS B 301 -27.72 10.94 -0.37
N TRP B 302 -26.68 10.85 -1.16
CA TRP B 302 -26.48 9.73 -2.05
C TRP B 302 -25.74 8.63 -1.30
N VAL B 303 -26.30 8.26 -0.18
CA VAL B 303 -25.57 7.47 0.81
C VAL B 303 -25.04 6.14 0.31
N GLN B 304 -25.79 5.41 -0.50
CA GLN B 304 -25.33 4.12 -1.02
C GLN B 304 -24.02 4.30 -1.82
N GLN B 305 -23.88 5.43 -2.50
CA GLN B 305 -22.73 5.69 -3.36
C GLN B 305 -21.64 6.39 -2.56
N GLU B 306 -22.05 7.17 -1.56
CA GLU B 306 -21.11 7.90 -0.70
C GLU B 306 -20.38 6.99 0.23
N ARG B 307 -21.15 6.14 0.89
CA ARG B 307 -20.67 5.31 1.98
C ARG B 307 -20.95 3.86 1.73
N PRO B 308 -20.43 3.32 0.64
CA PRO B 308 -20.72 1.95 0.27
C PRO B 308 -20.27 0.92 1.31
N GLN B 309 -19.17 1.14 1.99
CA GLN B 309 -18.69 0.09 2.89
C GLN B 309 -19.64 -0.01 4.03
N GLU B 310 -19.95 1.17 4.56
CA GLU B 310 -20.80 1.33 5.72
C GLU B 310 -22.19 0.81 5.39
N VAL B 311 -22.69 1.15 4.19
CA VAL B 311 -24.05 0.79 3.77
C VAL B 311 -24.19 -0.73 3.61
N ASN B 312 -23.20 -1.35 2.99
CA ASN B 312 -23.21 -2.79 2.83
C ASN B 312 -23.07 -3.52 4.17
N ALA B 313 -22.27 -3.01 5.10
CA ALA B 313 -22.13 -3.65 6.43
C ALA B 313 -23.45 -3.57 7.19
N ALA B 314 -24.08 -2.39 7.17
CA ALA B 314 -25.37 -2.23 7.84
C ALA B 314 -26.47 -3.09 7.19
N LEU B 315 -26.51 -3.17 5.86
CA LEU B 315 -27.49 -4.01 5.18
C LEU B 315 -27.28 -5.48 5.45
N ILE B 316 -26.08 -5.93 5.18
CA ILE B 316 -25.77 -7.32 5.38
C ILE B 316 -25.98 -7.72 6.82
N ASP B 317 -25.68 -6.85 7.76
CA ASP B 317 -25.91 -7.19 9.15
C ASP B 317 -27.38 -7.12 9.50
N PHE B 318 -28.10 -6.19 8.88
CA PHE B 318 -29.52 -6.10 9.09
C PHE B 318 -30.10 -7.43 8.67
N LEU B 319 -29.59 -7.95 7.57
CA LEU B 319 -30.14 -9.14 6.97
C LEU B 319 -29.56 -10.43 7.51
N ARG B 320 -28.75 -10.36 8.55
CA ARG B 320 -28.16 -11.59 9.06
C ARG B 320 -29.19 -12.41 9.80
N GLY B 321 -29.98 -11.76 10.66
CA GLY B 321 -30.88 -12.50 11.53
C GLY B 321 -31.95 -13.29 10.78
N LEU B 322 -32.33 -12.76 9.63
CA LEU B 322 -33.68 -12.92 9.12
C LEU B 322 -33.97 -14.17 8.30
N GLU B 323 -35.14 -14.75 8.55
CA GLU B 323 -35.77 -15.78 7.73
C GLU B 323 -36.47 -15.13 6.54
N LEU B 324 -35.80 -15.12 5.38
CA LEU B 324 -36.27 -14.30 4.27
C LEU B 324 -36.98 -15.10 3.20
N GLN B 325 -37.06 -16.41 3.38
CA GLN B 325 -37.64 -17.28 2.36
C GLN B 325 -38.97 -17.85 2.83
N THR C 7 35.43 18.22 -29.41
CA THR C 7 35.38 18.36 -27.95
C THR C 7 34.57 17.24 -27.32
N PRO C 8 34.83 15.97 -27.63
CA PRO C 8 34.01 15.00 -26.88
C PRO C 8 34.45 14.93 -25.42
N SER C 9 33.96 15.89 -24.65
CA SER C 9 34.22 16.01 -23.23
C SER C 9 32.93 15.71 -22.48
N GLU C 10 33.05 15.46 -21.19
CA GLU C 10 31.86 15.34 -20.36
C GLU C 10 31.82 16.33 -19.18
N ARG C 11 30.59 16.63 -18.77
CA ARG C 11 30.33 17.47 -17.63
C ARG C 11 28.96 17.11 -17.12
N SER C 12 28.75 17.33 -15.84
CA SER C 12 27.46 17.10 -15.24
C SER C 12 26.72 18.40 -15.30
N VAL C 13 25.41 18.31 -15.43
CA VAL C 13 24.61 19.46 -15.69
C VAL C 13 23.32 19.36 -14.88
N GLU C 14 23.05 20.41 -14.11
CA GLU C 14 21.81 20.56 -13.37
C GLU C 14 20.69 20.98 -14.28
N THR C 15 19.68 20.13 -14.42
CA THR C 15 18.57 20.37 -15.33
C THR C 15 17.29 19.77 -14.80
N ASN C 16 16.25 20.59 -14.69
CA ASN C 16 14.91 20.12 -14.43
C ASN C 16 14.76 19.50 -13.05
N GLY C 17 15.60 19.92 -12.11
CA GLY C 17 15.54 19.39 -10.78
C GLY C 17 16.27 18.10 -10.67
N VAL C 18 16.98 17.72 -11.73
CA VAL C 18 17.87 16.57 -11.68
C VAL C 18 19.25 16.95 -12.22
N ARG C 19 20.13 15.96 -12.26
CA ARG C 19 21.51 16.15 -12.68
C ARG C 19 21.78 15.11 -13.75
N LEU C 20 22.33 15.55 -14.88
CA LEU C 20 22.63 14.64 -15.99
C LEU C 20 24.08 14.65 -16.33
N ARG C 21 24.63 13.51 -16.67
CA ARG C 21 25.95 13.49 -17.25
C ARG C 21 25.85 13.77 -18.74
N LEU C 22 26.51 14.85 -19.17
CA LEU C 22 26.39 15.33 -20.51
C LEU C 22 27.67 15.09 -21.28
N VAL C 23 27.55 14.60 -22.51
CA VAL C 23 28.70 14.52 -23.43
C VAL C 23 28.51 15.64 -24.43
N GLU C 24 29.47 16.54 -24.51
CA GLU C 24 29.28 17.80 -25.23
C GLU C 24 30.40 17.95 -26.21
N ALA C 25 30.11 18.24 -27.48
CA ALA C 25 31.17 18.49 -28.46
C ALA C 25 30.88 19.71 -29.33
N GLY C 26 31.92 20.32 -29.88
CA GLY C 26 31.79 21.47 -30.78
C GLY C 26 31.87 22.81 -30.07
N GLU C 27 31.80 23.89 -30.85
CA GLU C 27 31.86 25.26 -30.34
C GLU C 27 30.51 25.76 -29.85
N ARG C 28 30.52 26.30 -28.64
CA ARG C 28 29.29 26.80 -28.04
C ARG C 28 28.89 28.08 -28.72
N GLY C 29 27.61 28.18 -29.08
CA GLY C 29 27.11 29.30 -29.86
C GLY C 29 26.94 28.92 -31.31
N ASP C 30 27.33 27.71 -31.66
CA ASP C 30 27.00 27.15 -32.98
C ASP C 30 25.60 26.54 -32.93
N PRO C 31 25.05 26.11 -34.09
CA PRO C 31 23.74 25.48 -33.98
C PRO C 31 23.80 24.26 -33.08
N LEU C 32 22.80 24.15 -32.23
CA LEU C 32 22.80 23.14 -31.20
C LEU C 32 21.97 21.91 -31.62
N VAL C 33 22.64 20.78 -31.49
CA VAL C 33 22.10 19.49 -31.86
C VAL C 33 22.08 18.58 -30.63
N VAL C 34 20.88 18.31 -30.14
CA VAL C 34 20.69 17.55 -28.91
C VAL C 34 20.40 16.12 -29.33
N LEU C 35 21.14 15.14 -28.79
CA LEU C 35 20.94 13.71 -29.10
C LEU C 35 20.46 12.92 -27.90
N ALA C 36 19.44 12.09 -28.08
CA ALA C 36 18.83 11.34 -26.99
C ALA C 36 18.87 9.82 -27.19
N HIS C 37 19.73 9.13 -26.45
CA HIS C 37 19.86 7.70 -26.63
C HIS C 37 18.56 6.96 -26.30
N GLY C 38 18.56 5.64 -26.54
CA GLY C 38 17.40 4.81 -26.32
C GLY C 38 17.57 3.77 -25.24
N PHE C 39 16.77 2.71 -25.35
CA PHE C 39 16.78 1.63 -24.38
C PHE C 39 17.51 0.38 -24.89
N PRO C 40 18.45 -0.19 -24.08
CA PRO C 40 19.11 0.32 -22.87
C PRO C 40 20.48 0.87 -23.25
N GLU C 41 20.52 2.16 -23.56
CA GLU C 41 21.67 2.71 -24.20
C GLU C 41 22.11 3.92 -23.42
N LEU C 42 23.09 4.64 -23.97
CA LEU C 42 23.85 5.63 -23.28
C LEU C 42 24.24 6.65 -24.32
N ALA C 43 24.79 7.75 -23.89
CA ALA C 43 25.27 8.74 -24.84
C ALA C 43 26.41 8.16 -25.69
N TYR C 44 26.98 7.06 -25.20
CA TYR C 44 28.04 6.30 -25.89
C TYR C 44 27.59 5.70 -27.23
N SER C 45 26.28 5.51 -27.37
CA SER C 45 25.65 5.12 -28.61
C SER C 45 25.79 6.14 -29.74
N TRP C 46 26.05 7.40 -29.41
CA TRP C 46 26.24 8.46 -30.40
C TRP C 46 27.69 8.72 -30.74
N ARG C 47 28.55 7.83 -30.28
CA ARG C 47 29.97 8.00 -30.46
C ARG C 47 30.38 8.16 -31.94
N HIS C 48 29.80 7.38 -32.84
CA HIS C 48 30.07 7.55 -34.27
C HIS C 48 29.51 8.85 -34.89
N GLN C 49 28.45 9.37 -34.29
CA GLN C 49 27.66 10.49 -34.82
C GLN C 49 28.23 11.82 -34.48
N ILE C 50 28.68 11.92 -33.24
CA ILE C 50 29.10 13.17 -32.66
C ILE C 50 30.20 13.82 -33.49
N PRO C 51 31.23 13.06 -33.86
CA PRO C 51 32.27 13.68 -34.67
C PRO C 51 31.78 14.27 -35.99
N ALA C 52 31.05 13.50 -36.77
CA ALA C 52 30.59 13.98 -38.06
C ALA C 52 29.83 15.28 -37.90
N LEU C 53 29.05 15.37 -36.82
CA LEU C 53 28.20 16.52 -36.56
C LEU C 53 29.02 17.72 -36.11
N VAL C 54 30.01 17.50 -35.28
CA VAL C 54 30.91 18.61 -34.93
C VAL C 54 31.75 19.06 -36.12
N ASP C 55 32.11 18.15 -37.01
CA ASP C 55 32.81 18.54 -38.23
C ASP C 55 31.85 19.29 -39.16
N ALA C 56 30.59 18.87 -39.23
CA ALA C 56 29.62 19.56 -40.06
C ALA C 56 29.32 20.95 -39.55
N GLY C 57 29.80 21.27 -38.34
CA GLY C 57 29.67 22.62 -37.81
C GLY C 57 28.67 22.80 -36.69
N TYR C 58 28.22 21.71 -36.06
CA TYR C 58 27.24 21.81 -34.98
C TYR C 58 27.86 21.68 -33.60
N HIS C 59 27.15 22.23 -32.62
CA HIS C 59 27.48 22.05 -31.22
C HIS C 59 26.63 20.92 -30.71
N VAL C 60 27.27 19.83 -30.33
CA VAL C 60 26.54 18.62 -30.07
C VAL C 60 26.39 18.44 -28.59
N MET C 61 25.18 18.10 -28.18
CA MET C 61 24.89 17.65 -26.82
C MET C 61 24.26 16.26 -26.86
N ALA C 62 24.75 15.36 -26.01
CA ALA C 62 24.30 13.97 -25.93
C ALA C 62 24.39 13.48 -24.49
N PRO C 63 23.27 13.45 -23.76
CA PRO C 63 23.31 13.08 -22.35
C PRO C 63 23.02 11.60 -22.05
N ASP C 64 23.55 11.09 -20.94
CA ASP C 64 22.95 9.94 -20.29
C ASP C 64 21.67 10.53 -19.72
N GLN C 65 20.53 10.03 -20.15
CA GLN C 65 19.26 10.56 -19.74
C GLN C 65 18.87 10.04 -18.35
N ARG C 66 17.76 10.51 -17.82
CA ARG C 66 17.35 10.15 -16.47
C ARG C 66 17.27 8.64 -16.34
N GLY C 67 17.79 8.10 -15.26
CA GLY C 67 17.86 6.66 -15.04
C GLY C 67 19.05 5.93 -15.63
N TYR C 68 19.97 6.68 -16.22
CA TYR C 68 21.03 6.10 -17.02
C TYR C 68 22.39 6.60 -16.64
N GLY C 69 23.36 5.69 -16.69
CA GLY C 69 24.76 6.04 -16.61
C GLY C 69 25.16 6.92 -15.46
N GLY C 70 25.70 8.08 -15.78
CA GLY C 70 26.20 8.97 -14.76
C GLY C 70 25.14 9.93 -14.31
N SER C 71 23.89 9.65 -14.68
CA SER C 71 22.81 10.58 -14.39
C SER C 71 21.96 10.16 -13.21
N SER C 72 21.15 11.11 -12.76
CA SER C 72 20.14 10.85 -11.77
C SER C 72 19.29 9.64 -12.12
N ALA C 73 18.85 8.96 -11.08
CA ALA C 73 18.00 7.80 -11.21
C ALA C 73 17.05 7.73 -10.01
N PRO C 74 15.99 8.58 -10.02
CA PRO C 74 15.04 8.50 -8.91
C PRO C 74 14.39 7.16 -8.83
N GLU C 75 14.18 6.76 -7.60
CA GLU C 75 13.52 5.54 -7.23
C GLU C 75 12.04 5.54 -7.63
N ALA C 76 11.42 6.74 -7.63
CA ALA C 76 9.98 6.89 -7.92
C ALA C 76 9.64 6.79 -9.38
N ILE C 77 8.89 5.74 -9.72
CA ILE C 77 8.53 5.43 -11.11
C ILE C 77 8.01 6.67 -11.85
N GLU C 78 7.08 7.34 -11.18
CA GLU C 78 6.33 8.49 -11.68
C GLU C 78 7.23 9.65 -12.03
N ALA C 79 8.50 9.56 -11.63
CA ALA C 79 9.52 10.55 -11.93
C ALA C 79 10.08 10.40 -13.33
N TYR C 80 9.62 9.39 -14.05
CA TYR C 80 10.15 9.08 -15.38
C TYR C 80 9.11 9.24 -16.48
N ASP C 81 8.15 10.12 -16.28
CA ASP C 81 7.10 10.27 -17.25
C ASP C 81 7.53 11.24 -18.35
N ILE C 82 6.71 11.38 -19.37
CA ILE C 82 7.12 12.04 -20.61
C ILE C 82 7.40 13.52 -20.43
N THR C 83 6.67 14.16 -19.54
CA THR C 83 6.84 15.57 -19.25
C THR C 83 8.15 15.88 -18.57
N ARG C 84 8.62 14.92 -17.77
CA ARG C 84 9.89 15.00 -17.05
C ARG C 84 11.08 14.76 -17.97
N LEU C 85 10.99 13.71 -18.78
CA LEU C 85 12.03 13.38 -19.75
C LEU C 85 12.22 14.38 -20.83
N THR C 86 11.18 15.10 -21.18
CA THR C 86 11.29 16.12 -22.21
C THR C 86 11.80 17.42 -21.58
N ALA C 87 11.37 17.75 -20.39
CA ALA C 87 11.87 18.97 -19.75
C ALA C 87 13.36 18.84 -19.40
N ASP C 88 13.78 17.62 -19.02
CA ASP C 88 15.21 17.31 -18.95
C ASP C 88 15.97 17.88 -20.14
N LEU C 89 15.55 17.50 -21.34
CA LEU C 89 16.29 17.88 -22.56
C LEU C 89 16.25 19.37 -22.79
N MET C 90 15.17 20.00 -22.38
CA MET C 90 15.00 21.43 -22.57
C MET C 90 15.93 22.24 -21.68
N GLY C 91 16.07 21.77 -20.45
CA GLY C 91 16.96 22.41 -19.51
C GLY C 91 18.36 22.55 -20.05
N LEU C 92 18.78 21.63 -20.93
CA LEU C 92 20.13 21.69 -21.51
C LEU C 92 20.26 22.87 -22.44
N LEU C 93 19.16 23.24 -23.07
CA LEU C 93 19.09 24.48 -23.84
C LEU C 93 19.25 25.60 -22.89
N ASP C 94 18.44 25.59 -21.83
CA ASP C 94 18.54 26.63 -20.82
C ASP C 94 19.95 26.80 -20.25
N ASP C 95 20.63 25.72 -19.91
CA ASP C 95 21.95 25.80 -19.29
C ASP C 95 23.01 26.53 -20.10
N ILE C 96 22.83 26.58 -21.42
CA ILE C 96 23.75 27.33 -22.27
C ILE C 96 23.05 28.53 -22.90
N GLY C 97 21.80 28.77 -22.50
CA GLY C 97 21.10 29.97 -22.92
C GLY C 97 20.47 29.88 -24.30
N ALA C 98 20.30 28.65 -24.78
CA ALA C 98 19.75 28.45 -26.11
C ALA C 98 18.23 28.45 -26.12
N GLU C 99 17.69 29.14 -27.11
CA GLU C 99 16.25 29.29 -27.30
C GLU C 99 15.63 28.14 -28.08
N LYS C 100 16.38 27.59 -29.01
CA LYS C 100 15.90 26.46 -29.76
C LYS C 100 17.09 25.60 -30.15
N ALA C 101 16.80 24.39 -30.62
CA ALA C 101 17.82 23.48 -31.04
C ALA C 101 17.27 22.45 -31.96
N ALA C 102 18.16 21.67 -32.56
CA ALA C 102 17.70 20.48 -33.26
C ALA C 102 17.74 19.30 -32.29
N PHE C 103 16.72 18.46 -32.33
CA PHE C 103 16.64 17.32 -31.42
C PHE C 103 16.55 16.03 -32.15
N ILE C 104 17.47 15.14 -31.85
CA ILE C 104 17.59 13.87 -32.54
C ILE C 104 17.54 12.80 -31.49
N GLY C 105 16.82 11.74 -31.79
CA GLY C 105 16.63 10.69 -30.83
C GLY C 105 16.81 9.32 -31.45
N HIS C 106 16.90 8.32 -30.60
CA HIS C 106 16.91 6.96 -31.05
C HIS C 106 16.08 6.05 -30.13
N ASP C 107 15.18 5.23 -30.70
CA ASP C 107 14.37 4.33 -29.93
C ASP C 107 13.44 5.08 -28.95
N TRP C 108 13.60 4.93 -27.64
CA TRP C 108 12.83 5.72 -26.66
C TRP C 108 13.19 7.20 -26.76
N GLY C 109 14.43 7.48 -27.15
CA GLY C 109 14.89 8.84 -27.28
C GLY C 109 14.13 9.51 -28.40
N ALA C 110 13.67 8.72 -29.34
CA ALA C 110 12.85 9.21 -30.42
C ALA C 110 11.50 9.69 -29.87
N LEU C 111 10.82 8.84 -29.12
CA LEU C 111 9.56 9.19 -28.48
C LEU C 111 9.73 10.50 -27.74
N VAL C 112 10.80 10.62 -26.93
CA VAL C 112 10.97 11.84 -26.16
C VAL C 112 11.05 13.05 -27.05
N VAL C 113 11.78 12.95 -28.17
CA VAL C 113 12.02 14.13 -29.00
C VAL C 113 10.78 14.39 -29.82
N TRP C 114 10.06 13.33 -30.09
CA TRP C 114 8.85 13.44 -30.86
C TRP C 114 7.88 14.25 -30.01
N ASN C 115 7.66 13.80 -28.78
CA ASN C 115 6.77 14.48 -27.84
C ASN C 115 7.27 15.84 -27.39
N ALA C 116 8.58 16.01 -27.38
CA ALA C 116 9.18 17.31 -27.18
C ALA C 116 8.79 18.29 -28.29
N ALA C 117 8.73 17.81 -29.52
CA ALA C 117 8.26 18.62 -30.66
C ALA C 117 6.85 19.13 -30.48
N LEU C 118 6.09 18.39 -29.71
CA LEU C 118 4.71 18.72 -29.43
C LEU C 118 4.57 19.55 -28.19
N LEU C 119 5.26 19.16 -27.13
CA LEU C 119 5.15 19.85 -25.87
C LEU C 119 5.80 21.22 -26.01
N TYR C 120 6.93 21.30 -26.71
CA TYR C 120 7.77 22.50 -26.73
C TYR C 120 8.03 23.01 -28.14
N PRO C 121 6.97 23.31 -28.88
CA PRO C 121 7.01 23.70 -30.30
C PRO C 121 7.92 24.89 -30.62
N ASP C 122 8.00 25.79 -29.65
CA ASP C 122 8.77 27.00 -29.83
C ASP C 122 10.26 26.75 -29.66
N ARG C 123 10.60 25.58 -29.11
CA ARG C 123 11.99 25.26 -28.79
C ARG C 123 12.65 24.38 -29.82
N VAL C 124 11.85 23.66 -30.59
CA VAL C 124 12.37 22.66 -31.50
C VAL C 124 12.33 23.17 -32.95
N ALA C 125 13.51 23.50 -33.46
CA ALA C 125 13.70 23.98 -34.83
C ALA C 125 13.58 22.84 -35.81
N ALA C 126 14.01 21.68 -35.33
CA ALA C 126 13.98 20.47 -36.13
C ALA C 126 13.97 19.25 -35.22
N VAL C 127 13.52 18.14 -35.78
CA VAL C 127 13.40 16.91 -35.03
C VAL C 127 13.51 15.68 -35.94
N ALA C 128 14.41 14.80 -35.55
CA ALA C 128 14.62 13.54 -36.24
C ALA C 128 14.45 12.43 -35.23
N GLY C 129 13.86 11.32 -35.64
CA GLY C 129 13.63 10.20 -34.75
C GLY C 129 14.14 8.97 -35.43
N LEU C 130 14.91 8.18 -34.70
CA LEU C 130 15.54 7.00 -35.25
C LEU C 130 14.80 5.82 -34.69
N SER C 131 14.51 4.84 -35.54
CA SER C 131 13.96 3.56 -35.11
C SER C 131 12.46 3.62 -34.77
N VAL C 132 12.00 4.66 -34.07
CA VAL C 132 10.57 4.74 -33.73
C VAL C 132 9.95 6.00 -34.38
N PRO C 133 8.82 5.84 -35.12
CA PRO C 133 8.34 7.01 -35.82
C PRO C 133 7.22 7.70 -35.07
N PRO C 134 6.70 8.80 -35.61
CA PRO C 134 5.51 9.46 -35.08
C PRO C 134 4.30 8.61 -35.27
N VAL C 135 3.56 8.45 -34.20
CA VAL C 135 2.33 7.67 -34.19
C VAL C 135 1.26 8.59 -33.61
N PRO C 136 0.04 8.56 -34.17
CA PRO C 136 -1.09 9.31 -33.62
C PRO C 136 -1.51 8.75 -32.28
N ARG C 137 -1.95 9.59 -31.33
CA ARG C 137 -2.35 9.11 -30.01
C ARG C 137 -3.50 8.10 -30.09
N SER C 138 -3.36 7.05 -29.29
CA SER C 138 -4.25 5.93 -29.28
C SER C 138 -5.49 6.32 -28.52
N LEU C 139 -6.64 5.73 -28.83
CA LEU C 139 -7.88 6.03 -28.13
C LEU C 139 -8.03 5.14 -26.90
N THR C 140 -7.28 4.04 -26.87
CA THR C 140 -7.16 3.23 -25.66
C THR C 140 -5.77 3.36 -25.07
N ARG C 141 -5.71 3.25 -23.76
CA ARG C 141 -4.47 3.25 -22.99
C ARG C 141 -3.52 2.19 -23.55
N PRO C 142 -2.22 2.49 -23.62
CA PRO C 142 -1.27 1.55 -24.21
C PRO C 142 -1.31 0.10 -23.68
N THR C 143 -1.51 -0.13 -22.39
CA THR C 143 -1.54 -1.49 -21.85
C THR C 143 -2.73 -2.25 -22.43
N GLU C 144 -3.81 -1.55 -22.66
CA GLU C 144 -5.00 -2.18 -23.18
C GLU C 144 -4.85 -2.54 -24.66
N ALA C 145 -4.32 -1.63 -25.44
CA ALA C 145 -4.08 -1.89 -26.85
C ALA C 145 -3.21 -3.10 -26.96
N PHE C 146 -2.19 -3.17 -26.14
CA PHE C 146 -1.24 -4.25 -26.21
C PHE C 146 -1.91 -5.59 -25.86
N ARG C 147 -2.76 -5.58 -24.85
CA ARG C 147 -3.42 -6.80 -24.48
C ARG C 147 -4.40 -7.18 -25.57
N ALA C 148 -4.98 -6.19 -26.22
CA ALA C 148 -5.89 -6.45 -27.32
C ALA C 148 -5.16 -7.07 -28.47
N LEU C 149 -3.95 -6.59 -28.67
CA LEU C 149 -3.20 -7.04 -29.80
C LEU C 149 -2.56 -8.41 -29.59
N VAL C 150 -2.15 -8.79 -28.38
CA VAL C 150 -1.58 -10.14 -28.18
C VAL C 150 -2.22 -11.00 -27.09
N GLY C 151 -3.24 -10.51 -26.40
CA GLY C 151 -3.91 -11.28 -25.37
C GLY C 151 -3.17 -11.30 -24.03
N GLU C 152 -3.39 -12.34 -23.23
CA GLU C 152 -2.84 -12.41 -21.87
C GLU C 152 -2.12 -13.72 -21.55
N ASP C 153 -2.08 -14.65 -22.52
CA ASP C 153 -1.28 -15.87 -22.40
C ASP C 153 0.06 -15.76 -23.13
N ASN C 154 0.05 -15.09 -24.28
CA ASN C 154 1.25 -14.86 -25.05
C ASN C 154 2.21 -13.92 -24.38
N PHE C 155 3.48 -14.03 -24.74
CA PHE C 155 4.50 -13.19 -24.18
C PHE C 155 4.71 -11.93 -24.98
N PHE C 156 4.64 -10.77 -24.35
CA PHE C 156 5.01 -9.53 -25.03
C PHE C 156 5.82 -8.63 -24.10
N TYR C 157 7.05 -8.39 -24.48
CA TYR C 157 8.02 -7.80 -23.60
C TYR C 157 7.58 -6.52 -22.91
N ILE C 158 6.95 -5.60 -23.64
CA ILE C 158 6.48 -4.35 -23.03
C ILE C 158 5.51 -4.68 -21.88
N LEU C 159 4.64 -5.63 -22.10
CA LEU C 159 3.74 -6.05 -21.05
C LEU C 159 4.49 -6.70 -19.89
N TYR C 160 5.58 -7.39 -20.19
CA TYR C 160 6.43 -8.03 -19.17
C TYR C 160 7.24 -7.03 -18.34
N PHE C 161 7.68 -5.95 -18.97
CA PHE C 161 8.47 -4.93 -18.28
C PHE C 161 7.72 -4.23 -17.17
N GLN C 162 6.39 -4.31 -17.16
CA GLN C 162 5.60 -3.37 -16.38
C GLN C 162 5.68 -3.61 -14.88
N GLU C 163 5.63 -4.86 -14.46
CA GLU C 163 5.59 -5.18 -13.04
C GLU C 163 6.92 -4.93 -12.33
N PRO C 164 6.98 -3.95 -11.40
CA PRO C 164 8.31 -3.62 -10.87
C PRO C 164 9.05 -4.78 -10.25
N GLY C 165 10.32 -4.91 -10.62
CA GLY C 165 11.19 -5.89 -10.03
C GLY C 165 11.27 -7.19 -10.78
N VAL C 166 10.31 -7.47 -11.64
CA VAL C 166 10.32 -8.72 -12.38
C VAL C 166 11.38 -8.68 -13.48
N ALA C 167 11.29 -7.76 -14.42
CA ALA C 167 12.28 -7.79 -15.48
C ALA C 167 13.61 -7.29 -14.94
N ASP C 168 13.54 -6.41 -13.93
CA ASP C 168 14.76 -5.81 -13.37
C ASP C 168 15.74 -6.87 -12.92
N ALA C 169 15.25 -7.78 -12.10
CA ALA C 169 15.99 -8.96 -11.69
C ALA C 169 16.51 -9.76 -12.88
N GLU C 170 15.69 -9.94 -13.93
CA GLU C 170 16.13 -10.72 -15.09
C GLU C 170 17.29 -10.07 -15.77
N LEU C 171 17.13 -8.80 -16.10
CA LEU C 171 18.14 -8.10 -16.84
C LEU C 171 19.36 -7.82 -15.99
N ASP C 172 19.12 -7.59 -14.70
CA ASP C 172 20.20 -7.34 -13.74
C ASP C 172 21.00 -8.56 -13.35
N GLY C 173 20.37 -9.73 -13.33
CA GLY C 173 21.03 -10.99 -13.09
C GLY C 173 22.31 -11.24 -13.89
N ASP C 174 22.23 -11.20 -15.21
CA ASP C 174 23.38 -11.50 -16.08
C ASP C 174 23.56 -10.38 -17.07
N PRO C 175 24.11 -9.26 -16.59
CA PRO C 175 24.10 -8.07 -17.42
C PRO C 175 24.85 -8.28 -18.70
N ALA C 176 25.80 -9.21 -18.69
CA ALA C 176 26.54 -9.53 -19.88
C ALA C 176 25.60 -10.18 -20.85
N ARG C 177 24.83 -11.13 -20.38
CA ARG C 177 23.89 -11.82 -21.25
C ARG C 177 22.92 -10.79 -21.87
N THR C 178 22.44 -9.88 -21.04
CA THR C 178 21.47 -8.89 -21.45
C THR C 178 21.91 -8.12 -22.68
N MET C 179 22.97 -7.34 -22.54
CA MET C 179 23.44 -6.46 -23.62
C MET C 179 23.84 -7.22 -24.88
N ARG C 180 24.34 -8.39 -24.56
CA ARG C 180 24.89 -9.34 -25.52
C ARG C 180 23.83 -9.87 -26.49
N ARG C 181 22.74 -10.37 -25.91
CA ARG C 181 21.58 -10.83 -26.69
C ARG C 181 20.78 -9.67 -27.26
N MET C 182 20.84 -8.51 -26.59
CA MET C 182 20.20 -7.32 -27.15
C MET C 182 20.90 -6.83 -28.43
N PHE C 183 22.20 -6.63 -28.35
CA PHE C 183 22.98 -6.18 -29.47
C PHE C 183 23.21 -7.22 -30.53
N GLY C 184 23.24 -8.48 -30.14
CA GLY C 184 23.42 -9.53 -31.10
C GLY C 184 22.19 -10.27 -31.57
N GLY C 185 21.15 -10.31 -30.77
CA GLY C 185 20.11 -11.29 -31.02
C GLY C 185 18.77 -10.70 -31.33
N LEU C 186 18.67 -9.39 -31.31
CA LEU C 186 17.41 -8.74 -31.64
C LEU C 186 17.17 -8.87 -33.13
N THR C 187 16.02 -9.40 -33.50
CA THR C 187 15.84 -9.85 -34.85
C THR C 187 14.35 -9.83 -35.18
N SER C 188 14.06 -9.52 -36.45
CA SER C 188 12.73 -9.66 -37.01
C SER C 188 12.59 -11.02 -37.74
N ASP C 189 13.53 -11.92 -37.48
CA ASP C 189 13.41 -13.28 -38.00
C ASP C 189 12.07 -13.87 -37.51
N PRO C 190 11.27 -14.44 -38.43
CA PRO C 190 9.98 -15.04 -38.07
C PRO C 190 9.99 -16.13 -36.99
N ASP C 191 10.88 -17.11 -37.09
CA ASP C 191 10.87 -18.19 -36.12
C ASP C 191 11.19 -17.64 -34.75
N ALA C 192 12.11 -16.68 -34.74
CA ALA C 192 12.52 -16.06 -33.49
C ALA C 192 11.32 -15.45 -32.79
N ALA C 193 10.60 -14.62 -33.53
CA ALA C 193 9.38 -14.00 -33.06
C ALA C 193 8.41 -15.03 -32.50
N HIS C 194 8.33 -16.18 -33.14
CA HIS C 194 7.39 -17.21 -32.73
C HIS C 194 7.82 -17.78 -31.40
N ARG C 195 9.11 -17.92 -31.20
CA ARG C 195 9.59 -18.37 -29.90
C ARG C 195 9.35 -17.31 -28.85
N MET C 196 9.65 -16.08 -29.23
CA MET C 196 9.46 -14.91 -28.38
C MET C 196 8.04 -14.75 -27.87
N LEU C 197 7.05 -15.14 -28.67
CA LEU C 197 5.67 -15.08 -28.21
C LEU C 197 5.17 -16.23 -27.39
N GLN C 198 5.77 -17.40 -27.42
CA GLN C 198 5.07 -18.54 -26.83
C GLN C 198 4.78 -18.30 -25.37
N PRO C 199 3.61 -18.72 -24.92
CA PRO C 199 3.30 -18.64 -23.50
C PRO C 199 4.27 -19.46 -22.66
N GLY C 200 4.57 -18.98 -21.47
CA GLY C 200 5.52 -19.63 -20.59
C GLY C 200 6.23 -18.62 -19.72
N PRO C 201 6.87 -19.10 -18.66
CA PRO C 201 7.50 -18.26 -17.65
C PRO C 201 8.90 -17.80 -18.01
N ALA C 202 9.36 -18.08 -19.22
CA ALA C 202 10.66 -17.59 -19.66
C ALA C 202 10.65 -16.06 -19.72
N GLY C 203 11.81 -15.47 -19.47
CA GLY C 203 11.96 -14.03 -19.51
C GLY C 203 12.33 -13.57 -20.89
N PHE C 204 12.32 -12.26 -21.07
CA PHE C 204 12.52 -11.67 -22.35
C PHE C 204 13.93 -11.94 -22.88
N ILE C 205 14.91 -11.85 -22.00
CA ILE C 205 16.30 -12.11 -22.40
C ILE C 205 16.50 -13.58 -22.63
N ASP C 206 15.74 -14.39 -21.91
CA ASP C 206 15.76 -15.82 -22.14
C ASP C 206 15.24 -16.18 -23.52
N ARG C 207 14.37 -15.34 -24.07
CA ARG C 207 13.73 -15.62 -25.36
C ARG C 207 14.51 -15.11 -26.55
N LEU C 208 15.49 -14.28 -26.29
CA LEU C 208 16.35 -13.81 -27.35
C LEU C 208 17.41 -14.81 -27.81
N PRO C 209 17.86 -14.67 -29.08
CA PRO C 209 18.98 -15.52 -29.50
C PRO C 209 20.34 -14.97 -29.06
N GLU C 210 21.26 -15.93 -28.96
CA GLU C 210 22.57 -15.68 -28.38
C GLU C 210 23.58 -15.70 -29.52
N PRO C 211 24.19 -14.56 -29.86
CA PRO C 211 24.97 -14.76 -31.10
C PRO C 211 26.17 -15.67 -30.94
N GLU C 212 26.62 -16.31 -32.01
CA GLU C 212 27.82 -17.14 -31.91
C GLU C 212 29.01 -16.22 -31.87
N ALA C 213 28.92 -15.14 -32.64
CA ALA C 213 30.00 -14.18 -32.74
C ALA C 213 29.56 -12.78 -32.30
N LEU C 214 30.49 -11.85 -32.18
CA LEU C 214 30.12 -10.45 -32.11
C LEU C 214 29.56 -9.97 -33.45
N PRO C 215 28.68 -8.96 -33.41
CA PRO C 215 28.21 -8.41 -34.67
C PRO C 215 29.35 -7.67 -35.35
N ASP C 216 29.22 -7.39 -36.64
CA ASP C 216 30.33 -6.83 -37.42
C ASP C 216 30.55 -5.36 -37.08
N TRP C 217 29.52 -4.71 -36.50
CA TRP C 217 29.61 -3.30 -36.14
C TRP C 217 30.06 -3.04 -34.71
N LEU C 218 30.31 -4.10 -33.97
CA LEU C 218 30.49 -3.98 -32.55
C LEU C 218 31.65 -4.80 -32.05
N THR C 219 32.61 -4.10 -31.43
CA THR C 219 33.77 -4.75 -30.86
C THR C 219 33.51 -5.18 -29.43
N ALA C 220 34.41 -6.00 -28.89
CA ALA C 220 34.34 -6.41 -27.50
C ALA C 220 34.50 -5.22 -26.58
N GLU C 221 35.23 -4.24 -27.06
CA GLU C 221 35.59 -3.09 -26.25
C GLU C 221 34.34 -2.24 -26.07
N GLU C 222 33.62 -2.05 -27.15
CA GLU C 222 32.37 -1.29 -27.15
C GLU C 222 31.29 -1.97 -26.30
N LEU C 223 31.23 -3.28 -26.36
CA LEU C 223 30.24 -4.03 -25.61
C LEU C 223 30.50 -3.99 -24.11
N ASP C 224 31.76 -4.14 -23.76
CA ASP C 224 32.12 -4.25 -22.36
C ASP C 224 31.83 -2.93 -21.67
N HIS C 225 31.89 -1.85 -22.42
CA HIS C 225 31.55 -0.54 -21.88
C HIS C 225 30.08 -0.46 -21.45
N TYR C 226 29.18 -0.83 -22.34
CA TYR C 226 27.76 -0.90 -21.95
C TYR C 226 27.56 -1.81 -20.75
N ILE C 227 28.08 -3.04 -20.83
CA ILE C 227 27.91 -4.03 -19.78
C ILE C 227 28.39 -3.51 -18.43
N ALA C 228 29.53 -2.85 -18.44
CA ALA C 228 30.09 -2.28 -17.22
C ALA C 228 29.14 -1.27 -16.65
N GLU C 229 28.75 -0.34 -17.51
CA GLU C 229 27.84 0.72 -17.10
C GLU C 229 26.58 0.18 -16.49
N PHE C 230 25.96 -0.80 -17.12
CA PHE C 230 24.69 -1.33 -16.62
C PHE C 230 24.87 -2.31 -15.46
N THR C 231 26.00 -2.97 -15.37
CA THR C 231 26.31 -3.70 -14.15
C THR C 231 26.22 -2.71 -13.01
N ARG C 232 26.84 -1.56 -13.22
CA ARG C 232 26.85 -0.53 -12.19
C ARG C 232 25.50 0.11 -11.94
N THR C 233 24.81 0.57 -12.97
CA THR C 233 23.55 1.26 -12.73
C THR C 233 22.43 0.32 -12.35
N GLY C 234 22.43 -0.87 -12.92
CA GLY C 234 21.22 -1.66 -12.93
C GLY C 234 20.33 -1.21 -14.08
N PHE C 235 19.33 -2.03 -14.38
CA PHE C 235 18.44 -1.82 -15.51
C PHE C 235 17.11 -1.16 -15.16
N THR C 236 16.85 -0.93 -13.88
CA THR C 236 15.56 -0.38 -13.43
C THR C 236 15.25 1.00 -14.03
N GLY C 237 16.19 1.94 -13.98
CA GLY C 237 15.99 3.31 -14.47
C GLY C 237 15.50 3.42 -15.91
N GLY C 238 15.97 2.54 -16.78
CA GLY C 238 15.49 2.44 -18.14
C GLY C 238 14.13 1.78 -18.26
N LEU C 239 13.91 0.73 -17.49
CA LEU C 239 12.67 0.01 -17.55
C LEU C 239 11.53 0.87 -17.07
N ASN C 240 11.83 1.74 -16.13
CA ASN C 240 10.84 2.63 -15.55
C ASN C 240 10.23 3.52 -16.61
N TRP C 241 10.93 3.69 -17.74
CA TRP C 241 10.42 4.52 -18.82
C TRP C 241 9.19 3.86 -19.41
N TYR C 242 9.30 2.56 -19.64
CA TYR C 242 8.16 1.82 -20.16
C TYR C 242 6.97 1.91 -19.23
N ARG C 243 7.26 1.93 -17.93
CA ARG C 243 6.25 1.83 -16.91
C ARG C 243 5.42 3.11 -16.72
N ASN C 244 5.74 4.14 -17.50
CA ASN C 244 4.88 5.34 -17.57
C ASN C 244 4.19 5.54 -18.90
N MET C 245 4.09 4.50 -19.70
CA MET C 245 3.43 4.63 -20.98
C MET C 245 1.92 4.92 -20.86
N ASP C 246 1.25 4.28 -19.92
CA ASP C 246 -0.17 4.59 -19.64
C ASP C 246 -0.37 5.99 -19.09
N ARG C 247 0.48 6.37 -18.15
CA ARG C 247 0.43 7.67 -17.51
C ARG C 247 0.75 8.75 -18.52
N ASN C 248 1.71 8.45 -19.40
CA ASN C 248 2.10 9.34 -20.48
C ASN C 248 0.97 9.53 -21.46
N TRP C 249 0.21 8.47 -21.73
CA TRP C 249 -1.08 8.60 -22.43
C TRP C 249 -2.03 9.54 -21.68
N GLU C 250 -2.36 9.23 -20.43
CA GLU C 250 -3.27 10.04 -19.61
C GLU C 250 -2.90 11.50 -19.44
N LEU C 251 -1.60 11.79 -19.53
CA LEU C 251 -1.07 13.14 -19.51
C LEU C 251 -1.18 13.97 -20.80
N THR C 252 -1.19 13.32 -21.96
CA THR C 252 -1.08 14.04 -23.23
C THR C 252 -2.43 14.04 -23.95
N GLU C 253 -3.49 13.85 -23.18
CA GLU C 253 -4.84 13.94 -23.70
C GLU C 253 -5.04 15.22 -24.48
N HIS C 254 -4.34 16.27 -24.08
CA HIS C 254 -4.47 17.56 -24.74
C HIS C 254 -3.68 17.59 -26.05
N LEU C 255 -3.00 16.48 -26.36
CA LEU C 255 -2.33 16.32 -27.65
C LEU C 255 -3.01 15.28 -28.55
N ALA C 256 -4.33 15.16 -28.42
CA ALA C 256 -5.08 14.20 -29.24
C ALA C 256 -5.15 14.61 -30.72
N GLY C 257 -5.23 15.92 -31.01
CA GLY C 257 -5.22 16.40 -32.39
C GLY C 257 -3.93 17.08 -32.82
N ALA C 258 -2.96 17.08 -31.93
CA ALA C 258 -1.74 17.88 -32.06
C ALA C 258 -0.84 17.49 -33.23
N THR C 259 -0.20 18.48 -33.85
CA THR C 259 0.70 18.22 -34.96
C THR C 259 2.06 18.89 -34.83
N ILE C 260 3.04 18.30 -35.51
CA ILE C 260 4.39 18.84 -35.61
C ILE C 260 4.59 19.53 -36.93
N THR C 261 4.96 20.79 -36.90
CA THR C 261 5.22 21.52 -38.14
C THR C 261 6.70 21.64 -38.43
N ALA C 262 7.51 21.29 -37.45
CA ALA C 262 8.94 21.41 -37.63
C ALA C 262 9.37 20.38 -38.69
N PRO C 263 10.40 20.70 -39.50
CA PRO C 263 11.11 19.73 -40.34
C PRO C 263 11.47 18.47 -39.63
N ALA C 264 11.03 17.35 -40.15
CA ALA C 264 11.19 16.08 -39.49
C ALA C 264 11.93 15.11 -40.37
N LEU C 265 12.38 14.05 -39.75
CA LEU C 265 13.07 13.02 -40.47
C LEU C 265 12.84 11.80 -39.64
N PHE C 266 12.38 10.72 -40.26
CA PHE C 266 12.35 9.45 -39.57
C PHE C 266 13.25 8.47 -40.34
N LEU C 267 14.18 7.84 -39.63
CA LEU C 267 15.08 6.92 -40.24
C LEU C 267 15.19 5.72 -39.35
N ALA C 268 15.14 4.56 -39.98
CA ALA C 268 15.14 3.31 -39.28
C ALA C 268 15.77 2.26 -40.16
N GLY C 269 16.10 1.14 -39.53
CA GLY C 269 16.45 -0.07 -40.24
C GLY C 269 15.23 -0.89 -40.60
N ALA C 270 15.15 -1.20 -41.88
CA ALA C 270 14.07 -1.94 -42.45
C ALA C 270 13.67 -3.19 -41.68
N ALA C 271 14.64 -3.91 -41.12
CA ALA C 271 14.35 -5.13 -40.36
C ALA C 271 14.25 -4.92 -38.85
N ASP C 272 14.12 -3.66 -38.46
CA ASP C 272 13.94 -3.29 -37.06
C ASP C 272 12.66 -3.89 -36.49
N PRO C 273 12.79 -4.74 -35.46
CA PRO C 273 11.63 -5.36 -34.83
C PRO C 273 10.47 -4.41 -34.44
N VAL C 274 10.75 -3.23 -33.93
CA VAL C 274 9.66 -2.45 -33.32
C VAL C 274 8.68 -1.85 -34.33
N LEU C 275 9.08 -1.73 -35.59
CA LEU C 275 8.19 -1.13 -36.60
C LEU C 275 6.93 -1.95 -36.80
N GLY C 276 7.04 -3.25 -36.64
CA GLY C 276 5.89 -4.11 -36.75
C GLY C 276 4.72 -3.58 -35.99
N PHE C 277 4.89 -3.21 -34.71
CA PHE C 277 3.76 -2.72 -33.89
C PHE C 277 3.83 -1.23 -33.60
N MET C 278 4.88 -0.57 -34.05
CA MET C 278 4.85 0.88 -34.11
C MET C 278 4.92 1.40 -35.55
N ARG C 279 3.80 1.35 -36.27
CA ARG C 279 3.81 1.49 -37.72
C ARG C 279 4.09 2.93 -38.17
N PRO C 280 5.07 3.10 -39.08
CA PRO C 280 5.50 4.39 -39.60
C PRO C 280 4.69 4.86 -40.81
N GLU C 281 3.61 4.15 -41.11
CA GLU C 281 2.80 4.53 -42.24
C GLU C 281 2.06 5.80 -41.81
N ARG C 282 1.49 5.78 -40.60
CA ARG C 282 0.67 6.89 -40.11
C ARG C 282 1.45 8.15 -39.63
N ALA C 283 2.74 8.28 -39.92
CA ALA C 283 3.55 9.32 -39.35
C ALA C 283 3.18 10.73 -39.80
N THR C 284 2.79 10.89 -41.06
CA THR C 284 2.49 12.22 -41.59
C THR C 284 1.19 12.79 -41.03
N GLU C 285 0.45 11.97 -40.29
CA GLU C 285 -0.69 12.47 -39.56
C GLU C 285 -0.22 13.42 -38.46
N VAL C 286 1.01 13.21 -38.04
CA VAL C 286 1.53 13.94 -36.91
C VAL C 286 2.48 14.99 -37.43
N ALA C 287 3.51 14.54 -38.11
CA ALA C 287 4.45 15.40 -38.80
C ALA C 287 3.84 15.96 -40.08
N VAL C 288 3.36 17.21 -39.97
CA VAL C 288 2.55 17.85 -41.00
C VAL C 288 3.36 18.80 -41.84
N GLY C 289 4.46 19.27 -41.28
CA GLY C 289 5.38 20.10 -42.03
C GLY C 289 6.30 19.22 -42.88
N PRO C 290 7.45 19.78 -43.27
CA PRO C 290 8.50 19.05 -43.98
C PRO C 290 8.85 17.74 -43.30
N TYR C 291 9.45 16.83 -44.06
CA TYR C 291 9.59 15.46 -43.62
C TYR C 291 10.29 14.64 -44.70
N ARG C 292 10.84 13.52 -44.25
CA ARG C 292 11.26 12.46 -45.14
C ARG C 292 11.34 11.22 -44.29
N GLN C 293 11.13 10.09 -44.94
CA GLN C 293 11.31 8.78 -44.33
C GLN C 293 12.46 8.03 -45.01
N VAL C 294 13.40 7.53 -44.21
CA VAL C 294 14.53 6.74 -44.71
C VAL C 294 14.56 5.35 -44.05
N LEU C 295 14.47 4.28 -44.84
CA LEU C 295 14.60 2.91 -44.34
C LEU C 295 15.81 2.20 -44.95
N LEU C 296 16.78 1.79 -44.12
CA LEU C 296 18.00 1.10 -44.59
C LEU C 296 17.86 -0.41 -44.59
N ASP C 297 17.68 -0.99 -45.78
CA ASP C 297 17.35 -2.40 -45.90
C ASP C 297 18.50 -3.18 -45.39
N GLY C 298 18.18 -4.27 -44.69
CA GLY C 298 19.21 -5.08 -44.10
C GLY C 298 19.85 -4.42 -42.90
N ALA C 299 19.20 -3.38 -42.40
CA ALA C 299 19.58 -2.77 -41.14
C ALA C 299 18.64 -3.31 -40.10
N GLY C 300 18.99 -3.12 -38.84
CA GLY C 300 18.19 -3.58 -37.73
C GLY C 300 17.97 -2.46 -36.77
N HIS C 301 17.92 -2.78 -35.48
CA HIS C 301 17.42 -1.85 -34.46
C HIS C 301 18.41 -0.77 -33.95
N TRP C 302 19.69 -1.09 -33.87
CA TRP C 302 20.69 -0.16 -33.35
C TRP C 302 21.30 0.65 -34.47
N VAL C 303 20.48 1.39 -35.16
CA VAL C 303 20.88 1.87 -36.46
C VAL C 303 22.07 2.82 -36.40
N GLN C 304 22.17 3.68 -35.41
CA GLN C 304 23.18 4.71 -35.56
C GLN C 304 24.57 4.08 -35.30
N GLN C 305 24.54 2.88 -34.73
CA GLN C 305 25.73 2.08 -34.51
C GLN C 305 25.99 1.12 -35.69
N GLU C 306 24.95 0.43 -36.16
CA GLU C 306 25.05 -0.47 -37.32
C GLU C 306 25.55 0.23 -38.60
N ARG C 307 24.88 1.34 -38.92
CA ARG C 307 25.03 2.07 -40.16
C ARG C 307 25.43 3.46 -39.87
N PRO C 308 26.59 3.64 -39.27
CA PRO C 308 27.01 4.98 -38.88
C PRO C 308 26.99 5.91 -40.08
N GLN C 309 27.67 5.51 -41.14
CA GLN C 309 27.98 6.40 -42.27
C GLN C 309 26.72 6.88 -42.92
N GLU C 310 25.74 6.00 -43.00
CA GLU C 310 24.51 6.33 -43.69
C GLU C 310 23.73 7.31 -42.84
N VAL C 311 23.80 7.11 -41.53
CA VAL C 311 23.03 7.93 -40.59
C VAL C 311 23.66 9.34 -40.41
N ASN C 312 24.99 9.44 -40.41
CA ASN C 312 25.64 10.74 -40.43
C ASN C 312 25.29 11.56 -41.66
N ALA C 313 25.29 10.90 -42.82
CA ALA C 313 24.93 11.51 -44.10
C ALA C 313 23.49 11.94 -44.08
N ALA C 314 22.62 11.07 -43.60
CA ALA C 314 21.22 11.41 -43.46
C ALA C 314 20.99 12.61 -42.55
N LEU C 315 21.63 12.65 -41.38
CA LEU C 315 21.43 13.73 -40.42
C LEU C 315 21.97 15.01 -40.91
N ILE C 316 23.16 14.96 -41.44
CA ILE C 316 23.77 16.13 -42.02
C ILE C 316 22.89 16.67 -43.16
N ASP C 317 22.52 15.80 -44.08
CA ASP C 317 21.72 16.23 -45.20
C ASP C 317 20.40 16.83 -44.72
N PHE C 318 19.80 16.26 -43.69
CA PHE C 318 18.54 16.80 -43.14
C PHE C 318 18.76 18.13 -42.47
N LEU C 319 19.88 18.26 -41.78
CA LEU C 319 20.17 19.47 -41.03
C LEU C 319 20.67 20.57 -41.95
N ARG C 320 21.04 20.17 -43.15
CA ARG C 320 21.38 21.10 -44.22
C ARG C 320 20.19 21.37 -45.15
N GLY C 321 19.73 22.60 -45.31
CA GLY C 321 20.14 23.78 -44.57
C GLY C 321 18.89 24.18 -43.85
N LEU C 322 18.96 24.08 -42.54
CA LEU C 322 17.83 24.38 -41.71
C LEU C 322 18.15 25.57 -40.81
N GLU C 323 17.07 26.08 -40.23
CA GLU C 323 17.09 27.29 -39.43
C GLU C 323 17.45 26.98 -37.99
N LEU C 324 18.66 26.51 -37.75
CA LEU C 324 18.94 25.76 -36.52
C LEU C 324 19.75 26.55 -35.53
N GLN C 325 19.59 27.86 -35.55
CA GLN C 325 20.16 28.67 -34.49
C GLN C 325 19.18 28.73 -33.35
N THR D 7 42.94 -15.14 18.80
CA THR D 7 41.97 -14.24 19.42
C THR D 7 40.91 -14.93 20.31
N PRO D 8 40.59 -16.25 20.09
CA PRO D 8 39.57 -16.85 20.96
C PRO D 8 39.95 -16.91 22.42
N SER D 9 39.18 -16.18 23.22
CA SER D 9 39.34 -16.07 24.65
C SER D 9 38.14 -16.72 25.33
N GLU D 10 38.24 -16.89 26.63
CA GLU D 10 37.07 -17.19 27.44
C GLU D 10 37.03 -16.27 28.68
N ARG D 11 35.84 -15.99 29.17
CA ARG D 11 35.63 -15.11 30.32
C ARG D 11 34.33 -15.41 30.96
N SER D 12 34.19 -15.02 32.21
CA SER D 12 32.93 -15.15 32.88
C SER D 12 32.19 -13.87 32.67
N VAL D 13 30.90 -14.03 32.43
CA VAL D 13 30.02 -12.92 32.18
C VAL D 13 28.72 -13.10 32.98
N GLU D 14 28.33 -12.02 33.67
CA GLU D 14 27.14 -11.97 34.50
C GLU D 14 25.92 -11.54 33.69
N THR D 15 24.91 -12.40 33.60
CA THR D 15 23.73 -12.12 32.78
C THR D 15 22.48 -12.79 33.27
N ASN D 16 21.39 -12.05 33.22
CA ASN D 16 20.11 -12.59 33.56
C ASN D 16 20.11 -13.24 34.95
N GLY D 17 20.93 -12.72 35.86
CA GLY D 17 20.96 -13.21 37.22
C GLY D 17 21.78 -14.46 37.40
N VAL D 18 22.52 -14.84 36.35
CA VAL D 18 23.42 -15.98 36.43
C VAL D 18 24.79 -15.62 35.84
N ARG D 19 25.69 -16.61 35.93
CA ARG D 19 27.01 -16.52 35.38
C ARG D 19 27.12 -17.39 34.17
N LEU D 20 27.72 -16.88 33.09
CA LEU D 20 28.05 -17.79 31.97
C LEU D 20 29.52 -17.70 31.69
N ARG D 21 30.06 -18.82 31.25
CA ARG D 21 31.38 -18.80 30.69
C ARG D 21 31.22 -18.57 29.22
N LEU D 22 31.84 -17.51 28.74
CA LEU D 22 31.65 -17.06 27.40
C LEU D 22 32.94 -17.29 26.66
N VAL D 23 32.79 -17.79 25.44
CA VAL D 23 33.90 -17.99 24.52
C VAL D 23 33.75 -16.91 23.49
N GLU D 24 34.80 -16.14 23.22
CA GLU D 24 34.62 -14.96 22.40
C GLU D 24 35.85 -14.63 21.58
N ALA D 25 35.59 -14.16 20.37
CA ALA D 25 36.59 -13.78 19.42
C ALA D 25 36.10 -12.63 18.53
N GLY D 26 37.01 -12.06 17.76
CA GLY D 26 36.73 -10.88 16.97
C GLY D 26 37.08 -9.63 17.76
N GLU D 27 36.70 -8.48 17.22
CA GLU D 27 37.00 -7.19 17.80
C GLU D 27 35.72 -6.49 18.19
N ARG D 28 35.54 -6.19 19.47
CA ARG D 28 34.29 -5.62 19.96
C ARG D 28 33.89 -4.42 19.15
N GLY D 29 32.59 -4.30 18.88
CA GLY D 29 32.07 -3.18 18.11
C GLY D 29 31.75 -3.57 16.69
N ASP D 30 32.22 -4.73 16.29
CA ASP D 30 31.84 -5.31 15.00
C ASP D 30 30.46 -5.92 15.04
N PRO D 31 29.93 -6.31 13.88
CA PRO D 31 28.60 -6.91 13.99
C PRO D 31 28.71 -8.16 14.84
N LEU D 32 27.73 -8.34 15.70
CA LEU D 32 27.77 -9.41 16.68
C LEU D 32 26.97 -10.63 16.25
N VAL D 33 27.62 -11.77 16.41
CA VAL D 33 27.05 -13.07 16.15
C VAL D 33 27.10 -13.94 17.39
N VAL D 34 25.91 -14.28 17.92
CA VAL D 34 25.80 -15.10 19.11
C VAL D 34 25.53 -16.55 18.68
N LEU D 35 26.27 -17.48 19.28
CA LEU D 35 26.17 -18.93 18.99
C LEU D 35 25.68 -19.71 20.19
N ALA D 36 24.69 -20.57 19.95
CA ALA D 36 24.04 -21.31 21.00
C ALA D 36 24.00 -22.81 20.72
N HIS D 37 24.72 -23.56 21.54
CA HIS D 37 24.94 -24.97 21.33
C HIS D 37 23.74 -25.76 21.80
N GLY D 38 23.73 -27.04 21.44
CA GLY D 38 22.59 -27.90 21.67
C GLY D 38 22.70 -28.80 22.86
N PHE D 39 22.02 -29.93 22.77
CA PHE D 39 22.11 -30.96 23.80
C PHE D 39 22.79 -32.21 23.30
N PRO D 40 23.71 -32.82 24.11
CA PRO D 40 24.41 -32.36 25.30
C PRO D 40 25.78 -31.86 24.92
N GLU D 41 25.88 -30.63 24.43
CA GLU D 41 26.91 -29.82 23.77
CA GLU D 41 26.86 -29.76 23.75
C GLU D 41 27.38 -28.61 24.56
N LEU D 42 28.35 -27.91 23.96
CA LEU D 42 29.11 -26.91 24.65
C LEU D 42 29.51 -25.89 23.62
N ALA D 43 30.03 -24.76 24.07
CA ALA D 43 30.50 -23.73 23.14
C ALA D 43 31.52 -24.36 22.20
N TYR D 44 32.20 -25.40 22.68
CA TYR D 44 33.28 -26.13 22.00
C TYR D 44 32.84 -26.81 20.74
N SER D 45 31.52 -26.96 20.61
CA SER D 45 30.92 -27.47 19.39
C SER D 45 31.06 -26.49 18.24
N TRP D 46 31.28 -25.21 18.57
CA TRP D 46 31.46 -24.16 17.59
C TRP D 46 32.91 -23.86 17.32
N ARG D 47 33.78 -24.77 17.69
CA ARG D 47 35.19 -24.50 17.55
C ARG D 47 35.59 -24.25 16.09
N HIS D 48 34.91 -24.89 15.14
CA HIS D 48 35.23 -24.73 13.73
C HIS D 48 34.66 -23.48 13.10
N GLN D 49 33.53 -23.03 13.63
CA GLN D 49 32.77 -21.94 13.05
C GLN D 49 33.33 -20.60 13.40
N ILE D 50 33.80 -20.45 14.63
CA ILE D 50 34.09 -19.13 15.16
C ILE D 50 35.15 -18.46 14.33
N PRO D 51 36.23 -19.19 14.04
CA PRO D 51 37.28 -18.54 13.25
C PRO D 51 36.81 -18.04 11.89
N ALA D 52 36.05 -18.85 11.18
CA ALA D 52 35.53 -18.43 9.89
C ALA D 52 34.66 -17.20 10.02
N LEU D 53 33.98 -17.08 11.16
CA LEU D 53 33.10 -15.94 11.46
C LEU D 53 33.87 -14.69 11.82
N VAL D 54 34.90 -14.87 12.62
CA VAL D 54 35.77 -13.77 12.94
C VAL D 54 36.48 -13.28 11.68
N ASP D 55 36.93 -14.20 10.83
CA ASP D 55 37.70 -13.81 9.64
C ASP D 55 36.81 -13.06 8.64
N ALA D 56 35.53 -13.39 8.60
CA ALA D 56 34.56 -12.74 7.69
C ALA D 56 33.96 -11.46 8.23
N GLY D 57 34.55 -10.91 9.29
CA GLY D 57 34.17 -9.60 9.78
C GLY D 57 33.19 -9.54 10.93
N TYR D 58 33.17 -10.55 11.82
CA TYR D 58 32.30 -10.46 13.00
C TYR D 58 33.01 -10.58 14.32
N HIS D 59 32.32 -10.02 15.30
CA HIS D 59 32.58 -10.26 16.68
C HIS D 59 31.74 -11.48 16.98
N VAL D 60 32.33 -12.50 17.59
CA VAL D 60 31.60 -13.73 17.82
C VAL D 60 31.60 -14.10 19.28
N MET D 61 30.40 -14.39 19.78
CA MET D 61 30.18 -14.87 21.13
C MET D 61 29.54 -16.25 21.10
N ALA D 62 30.05 -17.16 21.92
CA ALA D 62 29.53 -18.53 22.03
C ALA D 62 29.58 -19.01 23.47
N PRO D 63 28.47 -18.87 24.21
CA PRO D 63 28.44 -19.27 25.62
C PRO D 63 28.21 -20.75 25.94
N ASP D 64 28.88 -21.22 26.98
CA ASP D 64 28.40 -22.37 27.70
C ASP D 64 27.06 -21.95 28.31
N GLN D 65 25.94 -22.47 27.81
CA GLN D 65 24.64 -22.01 28.28
C GLN D 65 24.29 -22.58 29.67
N ARG D 66 23.25 -22.05 30.31
CA ARG D 66 22.93 -22.40 31.70
C ARG D 66 22.82 -23.90 31.82
N GLY D 67 23.39 -24.46 32.87
CA GLY D 67 23.39 -25.90 33.07
C GLY D 67 24.54 -26.63 32.42
N TYR D 68 25.39 -25.88 31.72
CA TYR D 68 26.42 -26.46 30.85
C TYR D 68 27.79 -25.97 31.21
N GLY D 69 28.78 -26.84 31.11
CA GLY D 69 30.18 -26.48 31.23
C GLY D 69 30.56 -25.62 32.43
N GLY D 70 31.17 -24.47 32.15
CA GLY D 70 31.64 -23.59 33.21
C GLY D 70 30.61 -22.60 33.63
N SER D 71 29.36 -22.82 33.24
CA SER D 71 28.28 -21.91 33.59
C SER D 71 27.49 -22.37 34.79
N SER D 72 26.68 -21.45 35.30
CA SER D 72 25.73 -21.78 36.34
C SER D 72 24.83 -22.98 35.98
N ALA D 73 24.52 -23.77 36.99
CA ALA D 73 23.58 -24.87 36.86
C ALA D 73 22.64 -24.89 38.08
N PRO D 74 21.74 -23.91 38.15
CA PRO D 74 20.73 -23.97 39.19
C PRO D 74 20.07 -25.32 39.31
N GLU D 75 19.64 -25.60 40.52
CA GLU D 75 18.98 -26.84 40.81
C GLU D 75 17.52 -26.81 40.40
N ALA D 76 16.87 -25.65 40.54
CA ALA D 76 15.44 -25.53 40.24
C ALA D 76 15.17 -25.69 38.76
N ILE D 77 14.34 -26.67 38.44
CA ILE D 77 14.08 -27.04 37.05
C ILE D 77 13.47 -25.87 36.28
N GLU D 78 12.61 -25.13 36.97
CA GLU D 78 11.91 -23.98 36.42
C GLU D 78 12.90 -22.87 36.06
N ALA D 79 14.14 -23.00 36.50
CA ALA D 79 15.18 -22.04 36.18
C ALA D 79 15.70 -22.20 34.77
N TYR D 80 15.15 -23.19 34.09
CA TYR D 80 15.58 -23.53 32.75
C TYR D 80 14.53 -23.34 31.64
N ASP D 81 13.47 -22.57 31.94
CA ASP D 81 12.41 -22.38 30.98
C ASP D 81 12.92 -21.49 29.85
N ILE D 82 12.14 -21.33 28.80
CA ILE D 82 12.61 -20.59 27.63
C ILE D 82 12.78 -19.09 27.86
N THR D 83 12.07 -18.50 28.79
CA THR D 83 12.18 -17.05 28.97
C THR D 83 13.50 -16.72 29.67
N ARG D 84 14.05 -17.70 30.37
CA ARG D 84 15.36 -17.60 31.05
C ARG D 84 16.57 -17.81 30.12
N LEU D 85 16.44 -18.81 29.24
CA LEU D 85 17.45 -19.12 28.22
C LEU D 85 17.53 -18.14 27.06
N THR D 86 16.40 -17.57 26.64
CA THR D 86 16.44 -16.43 25.73
C THR D 86 17.04 -15.21 26.43
N ALA D 87 16.64 -14.89 27.64
CA ALA D 87 17.09 -13.67 28.29
C ALA D 87 18.59 -13.74 28.63
N ASP D 88 19.07 -14.92 29.03
CA ASP D 88 20.51 -15.17 29.14
C ASP D 88 21.28 -14.62 27.95
N LEU D 89 20.87 -15.03 26.76
CA LEU D 89 21.49 -14.59 25.49
C LEU D 89 21.41 -13.10 25.28
N MET D 90 20.33 -12.48 25.70
CA MET D 90 20.17 -11.05 25.54
C MET D 90 21.09 -10.33 26.51
N GLY D 91 21.33 -10.97 27.65
CA GLY D 91 22.32 -10.47 28.59
C GLY D 91 23.66 -10.15 27.97
N LEU D 92 24.08 -10.96 27.01
CA LEU D 92 25.40 -10.84 26.37
C LEU D 92 25.44 -9.64 25.43
N LEU D 93 24.31 -9.31 24.84
CA LEU D 93 24.21 -8.03 24.14
C LEU D 93 24.38 -6.94 25.17
N ASP D 94 23.50 -6.97 26.16
CA ASP D 94 23.47 -5.92 27.17
C ASP D 94 24.81 -5.70 27.84
N ASP D 95 25.56 -6.77 27.99
CA ASP D 95 26.86 -6.68 28.62
C ASP D 95 27.90 -5.88 27.84
N ILE D 96 27.92 -5.97 26.51
CA ILE D 96 28.89 -5.15 25.75
C ILE D 96 28.20 -3.95 25.14
N GLY D 97 26.98 -3.70 25.58
CA GLY D 97 26.22 -2.57 25.10
C GLY D 97 25.60 -2.70 23.72
N ALA D 98 25.31 -3.93 23.28
CA ALA D 98 24.80 -4.16 21.93
C ALA D 98 23.30 -4.10 21.87
N GLU D 99 22.83 -3.45 20.83
CA GLU D 99 21.43 -3.20 20.64
C GLU D 99 20.77 -4.41 20.01
N LYS D 100 21.42 -4.91 18.97
CA LYS D 100 20.93 -6.05 18.25
C LYS D 100 22.06 -6.99 17.96
N ALA D 101 21.69 -8.19 17.52
CA ALA D 101 22.66 -9.18 17.17
C ALA D 101 22.03 -10.18 16.24
N ALA D 102 22.87 -10.95 15.58
CA ALA D 102 22.43 -12.13 14.92
C ALA D 102 22.65 -13.34 15.84
N PHE D 103 21.71 -14.27 15.84
CA PHE D 103 21.79 -15.41 16.71
C PHE D 103 21.75 -16.64 15.90
N ILE D 104 22.68 -17.53 16.19
CA ILE D 104 22.81 -18.78 15.48
C ILE D 104 22.79 -19.88 16.50
N GLY D 105 21.77 -20.71 16.43
CA GLY D 105 21.56 -21.78 17.36
C GLY D 105 21.59 -23.19 16.75
N HIS D 106 21.94 -24.18 17.57
CA HIS D 106 21.91 -25.54 17.08
C HIS D 106 21.14 -26.51 18.02
N ASP D 107 20.26 -27.33 17.46
CA ASP D 107 19.49 -28.29 18.22
C ASP D 107 18.65 -27.51 19.25
N TRP D 108 18.86 -27.72 20.54
CA TRP D 108 18.16 -26.92 21.52
C TRP D 108 18.50 -25.43 21.39
N GLY D 109 19.71 -25.12 20.96
CA GLY D 109 20.15 -23.74 20.83
C GLY D 109 19.41 -22.98 19.75
N ALA D 110 18.83 -23.74 18.83
CA ALA D 110 18.00 -23.23 17.74
C ALA D 110 16.60 -22.91 18.21
N LEU D 111 16.07 -23.79 19.04
CA LEU D 111 14.80 -23.51 19.72
C LEU D 111 14.89 -22.16 20.44
N VAL D 112 15.97 -21.95 21.19
CA VAL D 112 16.16 -20.72 21.93
C VAL D 112 16.17 -19.49 21.05
N VAL D 113 16.82 -19.57 19.88
CA VAL D 113 16.94 -18.40 19.00
C VAL D 113 15.68 -18.18 18.17
N TRP D 114 14.99 -19.24 17.82
CA TRP D 114 13.67 -19.07 17.22
C TRP D 114 12.79 -18.32 18.20
N ASN D 115 12.78 -18.78 19.43
CA ASN D 115 11.99 -18.12 20.45
C ASN D 115 12.48 -16.73 20.80
N ALA D 116 13.78 -16.53 20.78
CA ALA D 116 14.30 -15.20 20.90
C ALA D 116 13.75 -14.29 19.79
N ALA D 117 13.70 -14.80 18.57
CA ALA D 117 13.18 -14.05 17.41
C ALA D 117 11.74 -13.65 17.53
N LEU D 118 11.02 -14.29 18.43
CA LEU D 118 9.63 -13.97 18.69
C LEU D 118 9.43 -13.15 19.94
N LEU D 119 10.20 -13.46 20.98
CA LEU D 119 10.10 -12.73 22.25
C LEU D 119 10.80 -11.37 22.21
N TYR D 120 11.89 -11.26 21.46
CA TYR D 120 12.68 -10.02 21.38
C TYR D 120 12.91 -9.58 19.94
N PRO D 121 11.84 -9.23 19.23
CA PRO D 121 11.85 -8.89 17.80
C PRO D 121 12.77 -7.77 17.40
N ASP D 122 13.04 -6.88 18.34
CA ASP D 122 13.74 -5.65 18.02
C ASP D 122 15.21 -5.76 18.38
N ARG D 123 15.62 -6.94 18.82
CA ARG D 123 17.03 -7.20 19.12
C ARG D 123 17.68 -8.16 18.12
N VAL D 124 16.81 -8.89 17.41
CA VAL D 124 17.24 -9.90 16.46
C VAL D 124 17.22 -9.38 15.03
N ALA D 125 18.41 -9.16 14.53
CA ALA D 125 18.65 -8.61 13.21
C ALA D 125 18.74 -9.75 12.22
N ALA D 126 19.09 -10.89 12.76
CA ALA D 126 19.14 -12.11 11.96
C ALA D 126 19.04 -13.30 12.88
N VAL D 127 18.57 -14.41 12.35
CA VAL D 127 18.49 -15.63 13.12
C VAL D 127 18.74 -16.84 12.22
N ALA D 128 19.47 -17.81 12.74
CA ALA D 128 19.79 -19.05 12.02
C ALA D 128 19.67 -20.24 12.95
N GLY D 129 18.90 -21.24 12.56
CA GLY D 129 18.68 -22.41 13.38
C GLY D 129 19.26 -23.63 12.68
N LEU D 130 20.12 -24.36 13.40
CA LEU D 130 20.73 -25.57 12.85
C LEU D 130 19.93 -26.78 13.39
N SER D 131 19.61 -27.72 12.52
CA SER D 131 19.00 -29.01 12.87
C SER D 131 17.51 -28.91 13.19
N VAL D 132 17.11 -27.90 13.96
CA VAL D 132 15.71 -27.79 14.40
C VAL D 132 14.98 -26.58 13.75
N PRO D 133 13.85 -26.82 13.05
CA PRO D 133 13.22 -25.76 12.29
C PRO D 133 12.24 -24.90 13.08
N PRO D 134 11.75 -23.81 12.49
CA PRO D 134 10.63 -23.12 13.10
C PRO D 134 9.34 -23.91 12.92
N VAL D 135 8.59 -24.07 14.01
CA VAL D 135 7.42 -24.91 14.02
C VAL D 135 6.28 -24.15 14.70
N PRO D 136 5.11 -24.01 14.04
CA PRO D 136 3.99 -23.34 14.70
C PRO D 136 3.63 -23.94 16.06
N ARG D 137 3.09 -23.13 16.97
CA ARG D 137 2.73 -23.63 18.30
C ARG D 137 1.69 -24.75 18.19
N SER D 138 1.90 -25.80 18.95
CA SER D 138 0.99 -26.94 18.94
C SER D 138 -0.29 -26.52 19.60
N LEU D 139 -1.40 -27.10 19.17
CA LEU D 139 -2.67 -26.84 19.82
C LEU D 139 -2.68 -27.53 21.20
N THR D 140 -1.85 -28.56 21.33
CA THR D 140 -1.76 -29.32 22.57
C THR D 140 -0.36 -29.20 23.17
N ARG D 141 -0.31 -29.25 24.49
CA ARG D 141 0.94 -29.17 25.19
C ARG D 141 1.83 -30.34 24.78
N PRO D 142 3.11 -30.09 24.50
CA PRO D 142 4.03 -31.06 23.93
C PRO D 142 4.04 -32.51 24.46
N THR D 143 4.06 -32.77 25.77
CA THR D 143 4.11 -34.16 26.22
C THR D 143 2.88 -34.89 25.69
N GLU D 144 1.78 -34.16 25.55
CA GLU D 144 0.52 -34.71 25.05
C GLU D 144 0.74 -35.16 23.60
N ALA D 145 1.27 -34.26 22.78
CA ALA D 145 1.50 -34.51 21.37
C ALA D 145 2.32 -35.75 21.24
N PHE D 146 3.35 -35.86 22.06
CA PHE D 146 4.29 -36.98 21.95
C PHE D 146 3.68 -38.34 22.30
N ARG D 147 2.84 -38.35 23.31
CA ARG D 147 2.11 -39.54 23.69
C ARG D 147 1.12 -39.85 22.61
N ALA D 148 0.61 -38.82 21.94
CA ALA D 148 -0.28 -39.07 20.81
C ALA D 148 0.53 -39.69 19.67
N LEU D 149 1.72 -39.17 19.48
CA LEU D 149 2.51 -39.60 18.40
C LEU D 149 2.94 -41.02 18.59
N VAL D 150 3.41 -41.39 19.78
CA VAL D 150 3.97 -42.72 19.98
C VAL D 150 3.29 -43.57 21.05
N GLY D 151 2.43 -42.98 21.87
CA GLY D 151 1.80 -43.73 22.92
C GLY D 151 2.57 -43.74 24.21
N GLU D 152 2.30 -44.73 25.05
CA GLU D 152 2.94 -44.81 26.36
C GLU D 152 3.54 -46.18 26.65
N ASP D 153 3.48 -47.10 25.68
CA ASP D 153 4.20 -48.37 25.77
C ASP D 153 5.55 -48.30 25.04
N ASN D 154 5.58 -47.65 23.90
CA ASN D 154 6.82 -47.50 23.14
C ASN D 154 7.80 -46.61 23.83
N PHE D 155 9.02 -46.63 23.33
CA PHE D 155 10.05 -45.76 23.84
C PHE D 155 10.24 -44.51 23.02
N PHE D 156 10.19 -43.35 23.68
CA PHE D 156 10.54 -42.07 23.06
C PHE D 156 11.35 -41.17 23.98
N TYR D 157 12.61 -40.98 23.66
CA TYR D 157 13.54 -40.37 24.58
C TYR D 157 13.08 -39.10 25.26
N ILE D 158 12.42 -38.19 24.55
CA ILE D 158 12.01 -36.94 25.18
C ILE D 158 11.08 -37.25 26.35
N LEU D 159 10.17 -38.19 26.17
CA LEU D 159 9.26 -38.54 27.25
C LEU D 159 10.00 -39.25 28.40
N TYR D 160 11.07 -39.95 28.07
CA TYR D 160 11.94 -40.61 29.05
C TYR D 160 12.80 -39.64 29.90
N PHE D 161 13.15 -38.50 29.31
CA PHE D 161 13.95 -37.47 29.98
C PHE D 161 13.16 -36.72 31.04
N GLN D 162 11.85 -36.82 30.98
CA GLN D 162 10.99 -35.98 31.80
C GLN D 162 11.16 -36.25 33.32
N GLU D 163 11.01 -37.50 33.76
CA GLU D 163 11.06 -37.81 35.19
C GLU D 163 12.40 -37.44 35.79
N PRO D 164 12.44 -36.45 36.70
CA PRO D 164 13.79 -36.09 37.18
C PRO D 164 14.48 -37.24 37.85
N GLY D 165 15.71 -37.45 37.42
CA GLY D 165 16.57 -38.44 37.99
C GLY D 165 16.79 -39.67 37.14
N VAL D 166 15.77 -40.13 36.41
CA VAL D 166 15.89 -41.42 35.76
C VAL D 166 16.85 -41.34 34.61
N ALA D 167 16.68 -40.37 33.73
CA ALA D 167 17.61 -40.21 32.63
C ALA D 167 18.98 -39.68 33.09
N ASP D 168 19.02 -38.88 34.14
CA ASP D 168 20.31 -38.32 34.63
C ASP D 168 21.32 -39.39 35.03
N ALA D 169 20.86 -40.32 35.86
CA ALA D 169 21.65 -41.46 36.27
C ALA D 169 22.15 -42.28 35.08
N GLU D 170 21.30 -42.56 34.08
CA GLU D 170 21.73 -43.34 32.92
C GLU D 170 22.90 -42.69 32.24
N LEU D 171 22.72 -41.45 31.83
CA LEU D 171 23.74 -40.74 31.10
C LEU D 171 24.97 -40.44 31.95
N ASP D 172 24.74 -40.16 33.23
CA ASP D 172 25.80 -39.96 34.23
C ASP D 172 26.62 -41.15 34.55
N GLY D 173 26.01 -42.32 34.61
CA GLY D 173 26.69 -43.56 34.95
C GLY D 173 27.98 -43.88 34.19
N ASP D 174 27.97 -43.65 32.88
CA ASP D 174 29.11 -43.91 32.00
C ASP D 174 29.16 -42.81 30.96
N PRO D 175 29.73 -41.67 31.33
CA PRO D 175 29.75 -40.52 30.44
C PRO D 175 30.49 -40.76 29.12
N ALA D 176 31.37 -41.75 29.09
CA ALA D 176 32.08 -42.05 27.86
C ALA D 176 31.14 -42.72 26.89
N ARG D 177 30.34 -43.62 27.41
CA ARG D 177 29.40 -44.35 26.57
C ARG D 177 28.39 -43.37 26.02
N THR D 178 27.94 -42.47 26.88
CA THR D 178 26.95 -41.48 26.51
C THR D 178 27.42 -40.72 25.28
N MET D 179 28.56 -40.06 25.41
CA MET D 179 29.10 -39.25 24.32
C MET D 179 29.50 -40.08 23.08
N ARG D 180 30.10 -41.24 23.30
CA ARG D 180 30.43 -42.19 22.22
C ARG D 180 29.26 -42.50 21.32
N ARG D 181 28.22 -42.99 21.97
CA ARG D 181 27.01 -43.40 21.29
C ARG D 181 26.16 -42.25 20.77
N MET D 182 26.18 -41.08 21.40
CA MET D 182 25.51 -39.94 20.77
C MET D 182 26.23 -39.49 19.52
N PHE D 183 27.53 -39.27 19.63
CA PHE D 183 28.25 -38.69 18.54
C PHE D 183 28.38 -39.64 17.36
N GLY D 184 28.70 -40.89 17.66
CA GLY D 184 28.70 -41.88 16.62
C GLY D 184 27.57 -42.74 17.08
N GLY D 185 26.69 -43.14 16.19
CA GLY D 185 25.63 -44.04 16.56
C GLY D 185 24.29 -43.36 16.66
N LEU D 186 24.22 -42.07 16.40
CA LEU D 186 22.93 -41.39 16.23
C LEU D 186 22.60 -41.42 14.75
N THR D 187 21.38 -41.83 14.41
CA THR D 187 21.08 -42.27 13.06
C THR D 187 19.60 -42.34 12.76
N SER D 188 19.25 -42.10 11.49
CA SER D 188 17.88 -42.29 11.02
C SER D 188 17.67 -43.65 10.32
N ASP D 189 18.61 -44.57 10.50
CA ASP D 189 18.47 -45.92 9.98
C ASP D 189 17.19 -46.53 10.55
N PRO D 190 16.40 -47.15 9.68
CA PRO D 190 15.06 -47.59 10.09
C PRO D 190 15.10 -48.72 11.08
N ASP D 191 16.07 -49.62 10.97
CA ASP D 191 16.16 -50.73 11.90
C ASP D 191 16.63 -50.25 13.25
N ALA D 192 17.46 -49.21 13.23
CA ALA D 192 17.92 -48.60 14.45
C ALA D 192 16.74 -47.97 15.17
N ALA D 193 15.98 -47.18 14.41
CA ALA D 193 14.79 -46.52 14.92
C ALA D 193 13.86 -47.57 15.52
N HIS D 194 13.75 -48.68 14.83
CA HIS D 194 12.93 -49.78 15.27
C HIS D 194 13.40 -50.37 16.58
N ARG D 195 14.71 -50.52 16.76
CA ARG D 195 15.24 -50.95 18.04
C ARG D 195 14.88 -49.96 19.12
N MET D 196 15.16 -48.70 18.81
CA MET D 196 14.89 -47.60 19.70
C MET D 196 13.43 -47.50 20.14
N LEU D 197 12.48 -47.83 19.27
CA LEU D 197 11.08 -47.76 19.65
C LEU D 197 10.58 -48.88 20.53
N GLN D 198 11.16 -50.05 20.51
CA GLN D 198 10.48 -51.18 21.13
C GLN D 198 10.30 -50.95 22.61
N PRO D 199 9.15 -51.33 23.13
CA PRO D 199 8.93 -51.23 24.57
C PRO D 199 9.95 -52.05 25.37
N GLY D 200 10.22 -51.59 26.59
CA GLY D 200 11.10 -52.29 27.52
C GLY D 200 11.80 -51.25 28.38
N PRO D 201 12.52 -51.71 29.43
CA PRO D 201 13.13 -50.84 30.44
C PRO D 201 14.51 -50.36 30.08
N ALA D 202 14.98 -50.69 28.89
CA ALA D 202 16.22 -50.13 28.41
C ALA D 202 16.09 -48.61 28.38
N GLY D 203 17.23 -47.94 28.48
CA GLY D 203 17.29 -46.50 28.55
C GLY D 203 17.65 -45.98 27.19
N PHE D 204 17.81 -44.69 27.07
CA PHE D 204 18.07 -44.11 25.78
C PHE D 204 19.43 -44.51 25.25
N ILE D 205 20.45 -44.44 26.08
CA ILE D 205 21.80 -44.69 25.63
C ILE D 205 21.98 -46.18 25.35
N ASP D 206 21.26 -47.02 26.06
CA ASP D 206 21.29 -48.45 25.81
C ASP D 206 20.77 -48.78 24.44
N ARG D 207 19.89 -47.94 23.93
CA ARG D 207 19.22 -48.20 22.67
C ARG D 207 20.00 -47.67 21.49
N LEU D 208 21.12 -47.03 21.77
CA LEU D 208 21.97 -46.50 20.72
C LEU D 208 23.04 -47.50 20.27
N PRO D 209 23.43 -47.45 18.99
CA PRO D 209 24.48 -48.35 18.57
C PRO D 209 25.89 -47.91 18.97
N GLU D 210 26.69 -48.89 19.35
CA GLU D 210 28.04 -48.69 19.83
C GLU D 210 29.00 -48.68 18.64
N PRO D 211 29.52 -47.50 18.29
CA PRO D 211 30.25 -47.47 17.02
C PRO D 211 31.54 -48.27 17.12
N GLU D 212 31.95 -48.93 16.05
CA GLU D 212 33.20 -49.71 16.09
C GLU D 212 34.41 -48.83 15.89
N ALA D 213 34.19 -47.68 15.27
CA ALA D 213 35.25 -46.71 15.04
C ALA D 213 34.80 -45.30 15.47
N LEU D 214 35.74 -44.36 15.52
CA LEU D 214 35.37 -42.96 15.68
C LEU D 214 34.80 -42.37 14.40
N PRO D 215 34.05 -41.29 14.53
CA PRO D 215 33.57 -40.69 13.29
C PRO D 215 34.74 -40.04 12.57
N ASP D 216 34.60 -39.78 11.28
CA ASP D 216 35.67 -39.19 10.48
C ASP D 216 35.83 -37.72 10.80
N TRP D 217 34.84 -37.16 11.49
CA TRP D 217 34.81 -35.74 11.84
C TRP D 217 35.20 -35.45 13.26
N LEU D 218 35.43 -36.50 14.02
CA LEU D 218 35.71 -36.38 15.42
C LEU D 218 36.92 -37.17 15.82
N THR D 219 37.88 -36.48 16.42
CA THR D 219 39.05 -37.14 16.96
C THR D 219 38.80 -37.55 18.38
N ALA D 220 39.76 -38.22 18.98
CA ALA D 220 39.64 -38.65 20.35
C ALA D 220 39.90 -37.54 21.32
N GLU D 221 40.72 -36.58 20.91
CA GLU D 221 40.99 -35.39 21.73
C GLU D 221 39.71 -34.61 21.92
N GLU D 222 39.04 -34.37 20.80
CA GLU D 222 37.77 -33.66 20.81
C GLU D 222 36.72 -34.36 21.65
N LEU D 223 36.53 -35.65 21.43
CA LEU D 223 35.58 -36.42 22.23
C LEU D 223 35.87 -36.40 23.72
N ASP D 224 37.12 -36.64 24.05
CA ASP D 224 37.53 -36.80 25.44
C ASP D 224 37.23 -35.51 26.21
N HIS D 225 37.24 -34.40 25.50
CA HIS D 225 36.91 -33.12 26.12
C HIS D 225 35.43 -33.02 26.55
N TYR D 226 34.51 -33.34 25.64
CA TYR D 226 33.10 -33.46 25.99
C TYR D 226 32.93 -34.37 27.20
N ILE D 227 33.50 -35.56 27.08
CA ILE D 227 33.43 -36.55 28.16
C ILE D 227 33.87 -35.99 29.49
N ALA D 228 35.03 -35.36 29.54
CA ALA D 228 35.48 -34.72 30.78
C ALA D 228 34.51 -33.69 31.30
N GLU D 229 34.09 -32.77 30.42
CA GLU D 229 33.14 -31.73 30.81
C GLU D 229 31.87 -32.28 31.42
N PHE D 230 31.34 -33.35 30.86
CA PHE D 230 30.13 -33.91 31.43
C PHE D 230 30.39 -34.87 32.58
N THR D 231 31.59 -35.42 32.66
CA THR D 231 31.99 -36.07 33.90
C THR D 231 31.81 -35.06 35.02
N ARG D 232 32.47 -33.94 34.82
CA ARG D 232 32.48 -32.87 35.80
C ARG D 232 31.11 -32.28 36.09
N THR D 233 30.38 -31.89 35.05
CA THR D 233 29.11 -31.24 35.26
C THR D 233 27.98 -32.20 35.58
N GLY D 234 27.96 -33.34 34.94
CA GLY D 234 26.74 -34.12 34.91
C GLY D 234 25.89 -33.62 33.77
N PHE D 235 24.82 -34.37 33.53
CA PHE D 235 23.90 -34.17 32.42
C PHE D 235 22.59 -33.51 32.82
N THR D 236 22.40 -33.20 34.10
CA THR D 236 21.10 -32.72 34.60
C THR D 236 20.70 -31.38 34.02
N GLY D 237 21.63 -30.43 33.98
CA GLY D 237 21.34 -29.07 33.50
C GLY D 237 20.80 -29.03 32.09
N GLY D 238 21.30 -29.91 31.23
CA GLY D 238 20.80 -30.09 29.88
C GLY D 238 19.46 -30.77 29.82
N LEU D 239 19.31 -31.85 30.56
CA LEU D 239 18.07 -32.58 30.56
C LEU D 239 16.94 -31.72 31.06
N ASN D 240 17.24 -30.76 31.94
CA ASN D 240 16.19 -29.92 32.51
C ASN D 240 15.62 -28.97 31.49
N TRP D 241 16.30 -28.80 30.36
CA TRP D 241 15.76 -28.01 29.24
C TRP D 241 14.55 -28.75 28.72
N TYR D 242 14.74 -30.03 28.48
CA TYR D 242 13.65 -30.86 28.07
C TYR D 242 12.46 -30.79 29.01
N ARG D 243 12.74 -30.66 30.30
CA ARG D 243 11.71 -30.74 31.34
C ARG D 243 10.86 -29.48 31.50
N ASN D 244 11.19 -28.43 30.76
CA ASN D 244 10.31 -27.26 30.69
C ASN D 244 9.50 -27.11 29.39
N MET D 245 9.43 -28.12 28.56
CA MET D 245 8.74 -28.01 27.26
C MET D 245 7.24 -27.71 27.41
N ASP D 246 6.61 -28.33 28.39
CA ASP D 246 5.22 -28.04 28.65
C ASP D 246 5.06 -26.64 29.21
N ARG D 247 5.83 -26.34 30.26
CA ARG D 247 5.81 -25.00 30.89
C ARG D 247 6.10 -23.89 29.87
N ASN D 248 7.01 -24.19 28.96
CA ASN D 248 7.35 -23.35 27.82
C ASN D 248 6.14 -23.13 26.93
N TRP D 249 5.43 -24.21 26.62
CA TRP D 249 4.19 -24.09 25.90
C TRP D 249 3.12 -23.26 26.67
N GLU D 250 3.02 -23.43 27.99
CA GLU D 250 2.13 -22.61 28.80
C GLU D 250 2.56 -21.15 28.88
N LEU D 251 3.85 -20.89 28.82
CA LEU D 251 4.36 -19.52 28.89
C LEU D 251 4.19 -18.67 27.66
N THR D 252 4.12 -19.29 26.50
CA THR D 252 4.15 -18.55 25.23
C THR D 252 2.83 -18.65 24.47
N GLU D 253 1.76 -18.94 25.19
CA GLU D 253 0.41 -18.91 24.64
C GLU D 253 0.12 -17.64 23.87
N HIS D 254 0.73 -16.54 24.30
CA HIS D 254 0.54 -15.26 23.62
C HIS D 254 1.36 -15.15 22.32
N LEU D 255 2.17 -16.18 22.02
CA LEU D 255 2.92 -16.21 20.76
C LEU D 255 2.38 -17.24 19.78
N ALA D 256 1.15 -17.65 19.99
CA ALA D 256 0.52 -18.54 19.04
C ALA D 256 0.30 -17.78 17.71
N GLY D 257 -0.18 -16.55 17.80
CA GLY D 257 -0.37 -15.72 16.62
C GLY D 257 0.93 -15.18 16.05
N ALA D 258 1.95 -15.17 16.90
CA ALA D 258 3.23 -14.51 16.62
C ALA D 258 4.05 -15.15 15.51
N THR D 259 4.71 -14.29 14.72
CA THR D 259 5.58 -14.68 13.64
C THR D 259 6.96 -14.03 13.74
N ILE D 260 7.92 -14.60 13.00
CA ILE D 260 9.30 -14.13 12.95
C ILE D 260 9.48 -13.34 11.68
N THR D 261 10.11 -12.19 11.80
CA THR D 261 10.21 -11.25 10.69
C THR D 261 11.64 -11.05 10.23
N ALA D 262 12.59 -11.40 11.08
CA ALA D 262 13.99 -11.19 10.75
C ALA D 262 14.40 -12.16 9.66
N PRO D 263 15.29 -11.75 8.74
CA PRO D 263 15.89 -12.69 7.78
C PRO D 263 16.33 -13.99 8.43
N ALA D 264 15.84 -15.12 7.94
CA ALA D 264 16.06 -16.40 8.60
C ALA D 264 16.62 -17.52 7.72
N LEU D 265 17.31 -18.41 8.39
CA LEU D 265 17.87 -19.57 7.75
C LEU D 265 17.62 -20.72 8.66
N PHE D 266 17.17 -21.83 8.08
CA PHE D 266 17.18 -23.14 8.70
C PHE D 266 18.02 -24.15 7.88
N LEU D 267 19.01 -24.75 8.52
CA LEU D 267 19.85 -25.72 7.88
C LEU D 267 19.92 -26.96 8.75
N ALA D 268 20.02 -28.11 8.09
CA ALA D 268 20.18 -29.32 8.82
C ALA D 268 20.80 -30.43 7.96
N GLY D 269 21.11 -31.54 8.61
CA GLY D 269 21.54 -32.74 7.93
C GLY D 269 20.31 -33.50 7.48
N ALA D 270 20.25 -33.78 6.19
CA ALA D 270 19.12 -34.45 5.57
C ALA D 270 18.75 -35.71 6.28
N ALA D 271 19.72 -36.37 6.89
CA ALA D 271 19.49 -37.62 7.61
C ALA D 271 19.32 -37.45 9.14
N ASP D 272 19.20 -36.22 9.58
CA ASP D 272 19.03 -35.93 11.01
C ASP D 272 17.71 -36.50 11.54
N PRO D 273 17.77 -37.38 12.56
CA PRO D 273 16.56 -38.05 13.06
C PRO D 273 15.53 -37.13 13.67
N VAL D 274 15.94 -35.95 14.07
CA VAL D 274 15.05 -35.01 14.73
C VAL D 274 14.00 -34.54 13.72
N LEU D 275 14.41 -34.48 12.47
CA LEU D 275 13.53 -34.00 11.41
C LEU D 275 12.28 -34.87 11.23
N GLY D 276 12.31 -36.08 11.75
CA GLY D 276 11.18 -36.95 11.62
C GLY D 276 10.00 -36.48 12.44
N PHE D 277 10.24 -35.93 13.63
CA PHE D 277 9.11 -35.42 14.41
C PHE D 277 9.08 -33.91 14.56
N MET D 278 10.18 -33.23 14.27
CA MET D 278 10.14 -31.76 14.11
C MET D 278 10.26 -31.37 12.65
N ARG D 279 9.11 -31.34 11.97
CA ARG D 279 9.06 -31.25 10.53
C ARG D 279 9.15 -29.83 10.00
N PRO D 280 10.07 -29.62 9.04
CA PRO D 280 10.38 -28.31 8.48
C PRO D 280 9.41 -27.78 7.41
N GLU D 281 8.37 -28.53 7.04
CA GLU D 281 7.53 -28.08 5.94
C GLU D 281 6.61 -26.91 6.32
N ARG D 282 6.33 -26.70 7.61
CA ARG D 282 5.49 -25.56 8.03
C ARG D 282 6.27 -24.37 8.57
N ALA D 283 7.54 -24.25 8.20
CA ALA D 283 8.46 -23.29 8.79
C ALA D 283 8.16 -21.85 8.43
N THR D 284 7.81 -21.62 7.16
CA THR D 284 7.52 -20.28 6.68
C THR D 284 6.15 -19.79 7.13
N GLU D 285 5.42 -20.60 7.89
CA GLU D 285 4.28 -20.11 8.63
C GLU D 285 4.77 -19.20 9.77
N VAL D 286 5.86 -19.58 10.41
CA VAL D 286 6.36 -18.83 11.55
C VAL D 286 7.32 -17.79 11.03
N ALA D 287 8.35 -18.23 10.32
CA ALA D 287 9.27 -17.31 9.73
C ALA D 287 8.64 -16.76 8.48
N VAL D 288 8.11 -15.55 8.59
CA VAL D 288 7.43 -14.94 7.47
C VAL D 288 8.29 -13.93 6.73
N GLY D 289 9.39 -13.49 7.32
CA GLY D 289 10.27 -12.62 6.60
C GLY D 289 11.05 -13.43 5.59
N PRO D 290 12.27 -12.99 5.24
CA PRO D 290 13.06 -13.87 4.40
C PRO D 290 13.35 -15.15 5.12
N TYR D 291 13.36 -16.25 4.38
CA TYR D 291 13.61 -17.60 4.90
C TYR D 291 14.20 -18.49 3.82
N ARG D 292 15.33 -19.10 4.13
CA ARG D 292 15.91 -20.10 3.27
C ARG D 292 16.10 -21.39 4.07
N GLN D 293 15.95 -22.53 3.38
CA GLN D 293 16.25 -23.83 3.94
C GLN D 293 17.42 -24.49 3.22
N VAL D 294 18.34 -25.08 3.97
CA VAL D 294 19.45 -25.82 3.36
C VAL D 294 19.67 -27.15 4.06
N LEU D 295 19.42 -28.24 3.33
CA LEU D 295 19.63 -29.59 3.80
C LEU D 295 20.86 -30.11 3.12
N LEU D 296 21.77 -30.66 3.89
CA LEU D 296 23.00 -31.26 3.39
C LEU D 296 22.83 -32.76 3.34
N ASP D 297 22.90 -33.30 2.13
CA ASP D 297 22.62 -34.71 1.87
C ASP D 297 23.64 -35.62 2.50
N GLY D 298 23.15 -36.62 3.22
CA GLY D 298 24.01 -37.59 3.88
C GLY D 298 24.63 -37.11 5.18
N ALA D 299 24.22 -35.93 5.66
CA ALA D 299 24.75 -35.40 6.91
C ALA D 299 23.86 -35.79 8.06
N GLY D 300 24.40 -35.71 9.27
CA GLY D 300 23.67 -36.12 10.44
C GLY D 300 23.23 -34.99 11.32
N HIS D 301 22.99 -35.34 12.57
CA HIS D 301 22.56 -34.41 13.57
C HIS D 301 23.61 -33.39 14.00
N TRP D 302 24.88 -33.80 14.08
CA TRP D 302 25.93 -32.95 14.62
C TRP D 302 26.58 -32.03 13.59
N VAL D 303 25.76 -31.28 12.87
CA VAL D 303 26.18 -30.73 11.58
C VAL D 303 27.31 -29.71 11.65
N GLN D 304 27.31 -28.76 12.55
CA GLN D 304 28.40 -27.75 12.47
C GLN D 304 29.79 -28.41 12.67
N GLN D 305 29.78 -29.66 13.12
CA GLN D 305 30.98 -30.44 13.32
C GLN D 305 31.24 -31.39 12.13
N GLU D 306 30.19 -32.08 11.70
CA GLU D 306 30.28 -33.03 10.59
C GLU D 306 30.71 -32.31 9.34
N ARG D 307 30.09 -31.15 9.11
CA ARG D 307 30.13 -30.41 7.85
C ARG D 307 30.57 -29.02 8.08
N PRO D 308 31.76 -28.85 8.61
CA PRO D 308 32.15 -27.53 9.04
C PRO D 308 32.24 -26.55 7.88
N GLN D 309 32.79 -26.98 6.76
CA GLN D 309 32.98 -26.10 5.63
C GLN D 309 31.65 -25.68 4.99
N GLU D 310 30.68 -26.58 4.97
CA GLU D 310 29.39 -26.27 4.32
C GLU D 310 28.59 -25.26 5.18
N VAL D 311 28.63 -25.48 6.49
CA VAL D 311 27.90 -24.65 7.45
C VAL D 311 28.50 -23.25 7.46
N ASN D 312 29.82 -23.18 7.51
CA ASN D 312 30.50 -21.89 7.52
C ASN D 312 30.12 -21.04 6.32
N ALA D 313 30.23 -21.60 5.12
CA ALA D 313 29.91 -20.87 3.90
C ALA D 313 28.44 -20.48 3.89
N ALA D 314 27.56 -21.39 4.27
CA ALA D 314 26.15 -21.00 4.34
C ALA D 314 25.91 -19.84 5.32
N LEU D 315 26.54 -19.86 6.48
CA LEU D 315 26.34 -18.81 7.47
C LEU D 315 26.89 -17.52 6.94
N ILE D 316 28.15 -17.52 6.55
CA ILE D 316 28.80 -16.36 5.96
C ILE D 316 27.97 -15.73 4.80
N ASP D 317 27.48 -16.58 3.92
CA ASP D 317 26.63 -16.13 2.83
C ASP D 317 25.27 -15.58 3.32
N PHE D 318 24.71 -16.22 4.34
CA PHE D 318 23.45 -15.73 4.93
C PHE D 318 23.69 -14.33 5.44
N LEU D 319 24.74 -14.18 6.24
CA LEU D 319 24.98 -12.92 6.91
C LEU D 319 25.47 -11.79 6.02
N ARG D 320 26.26 -12.15 5.02
CA ARG D 320 27.00 -11.18 4.23
C ARG D 320 26.31 -9.82 4.04
N GLY D 321 25.13 -9.80 3.44
CA GLY D 321 24.52 -8.54 3.06
C GLY D 321 23.65 -7.87 4.10
N LEU D 322 23.53 -8.49 5.27
CA LEU D 322 22.53 -8.02 6.24
C LEU D 322 23.03 -6.85 7.09
N GLU D 323 22.08 -6.12 7.65
CA GLU D 323 22.36 -5.01 8.54
C GLU D 323 22.11 -5.46 9.98
N LEU D 324 23.19 -5.58 10.76
CA LEU D 324 23.12 -6.26 12.07
C LEU D 324 23.32 -5.30 13.24
N GLN D 325 23.47 -4.02 12.93
CA GLN D 325 23.86 -3.04 13.94
C GLN D 325 23.46 -1.64 13.51
#